data_8W1M
#
_entry.id   8W1M
#
_cell.length_a   90.761
_cell.length_b   179.939
_cell.length_c   66.587
_cell.angle_alpha   90.000
_cell.angle_beta   90.000
_cell.angle_gamma   90.000
#
_symmetry.space_group_name_H-M   'P 21 21 2'
#
loop_
_entity.id
_entity.type
_entity.pdbx_description
1 polymer 'Chaperone protein DnaK'
2 non-polymer "ADENOSINE-5'-DIPHOSPHATE"
3 non-polymer 'MAGNESIUM ION'
4 non-polymer 'CALCIUM ION'
5 water water
#
_entity_poly.entity_id   1
_entity_poly.type   'polypeptide(L)'
_entity_poly.pdbx_seq_one_letter_code
;MAKAVGIDLGTTNSVIAVLEGGKPVVLENAEGERVTPSVVAFRDGETLVGRMAKRQAVLNPEGTIFEIKRFIGRRFEEVQ
EEAKRVPYKVVPGPDGGVRVEVKGKLYTPEEISAMILRKLVEDASKKLGEKITKAVITVPAYFNNAQREATANAGRIAGL
EVLRIINEPTAAALAYGLDKKGNETVLVFDLGGGTFDVTILEIGEGVFEVKATSGDTHLGGSDMDHAIVNWLAEEFKKEH
GVDLKADRQALQRLIEAAEKAKIELSSTLETTISLPFIALDPASKTPLHLEKKLTRAKFEELIQPLLKRLRGPVEQALKD
AGLTPAQIDEVILVGGATRVPAVQQVVRELLGKEPNRSVNPDEVVAMGAAIQAGVLMGEVRD
;
_entity_poly.pdbx_strand_id   A,B
#
loop_
_chem_comp.id
_chem_comp.type
_chem_comp.name
_chem_comp.formula
ADP non-polymer ADENOSINE-5'-DIPHOSPHATE 'C10 H15 N5 O10 P2'
CA non-polymer 'CALCIUM ION' 'Ca 2'
MG non-polymer 'MAGNESIUM ION' 'Mg 2'
#
# COMPACT_ATOMS: atom_id res chain seq x y z
N LYS A 3 -2.29 26.91 7.43
CA LYS A 3 -3.19 25.79 7.20
C LYS A 3 -3.19 24.80 8.36
N ALA A 4 -4.38 24.46 8.84
CA ALA A 4 -4.50 23.56 9.97
C ALA A 4 -4.37 22.11 9.52
N VAL A 5 -3.89 21.28 10.44
CA VAL A 5 -3.47 19.91 10.18
C VAL A 5 -4.18 18.98 11.15
N GLY A 6 -4.21 17.71 10.80
CA GLY A 6 -4.65 16.66 11.69
C GLY A 6 -3.46 15.81 12.10
N ILE A 7 -3.50 15.28 13.32
CA ILE A 7 -2.40 14.49 13.85
C ILE A 7 -2.96 13.29 14.60
N ASP A 8 -2.52 12.08 14.22
CA ASP A 8 -2.88 10.84 14.91
C ASP A 8 -1.75 10.48 15.86
N LEU A 9 -1.90 10.83 17.13
CA LEU A 9 -0.93 10.45 18.16
C LEU A 9 -1.21 9.01 18.58
N GLY A 10 -0.67 8.07 17.81
CA GLY A 10 -0.94 6.67 18.05
C GLY A 10 0.06 6.03 19.01
N THR A 11 -0.35 4.88 19.57
CA THR A 11 0.49 4.18 20.53
C THR A 11 1.75 3.61 19.89
N THR A 12 1.72 3.33 18.58
CA THR A 12 2.87 2.80 17.86
C THR A 12 3.37 3.78 16.80
N ASN A 13 2.50 4.25 15.91
CA ASN A 13 2.87 5.20 14.88
C ASN A 13 2.03 6.47 14.98
N SER A 14 2.57 7.54 14.40
CA SER A 14 1.88 8.81 14.30
C SER A 14 1.86 9.26 12.85
N VAL A 15 0.76 9.91 12.48
CA VAL A 15 0.53 10.34 11.11
C VAL A 15 0.08 11.79 11.12
N ILE A 16 0.60 12.58 10.19
CA ILE A 16 0.17 13.97 10.04
C ILE A 16 -0.44 14.13 8.65
N ALA A 17 -1.46 14.98 8.56
CA ALA A 17 -2.17 15.21 7.32
C ALA A 17 -2.74 16.63 7.34
N VAL A 18 -3.02 17.15 6.14
CA VAL A 18 -3.47 18.52 5.99
C VAL A 18 -4.56 18.58 4.93
N LEU A 19 -5.54 19.46 5.14
CA LEU A 19 -6.64 19.64 4.19
C LEU A 19 -6.12 20.48 3.02
N GLU A 20 -5.81 19.79 1.92
CA GLU A 20 -5.26 20.41 0.71
C GLU A 20 -6.32 20.33 -0.38
N GLY A 21 -6.81 21.49 -0.82
CA GLY A 21 -7.81 21.53 -1.88
C GLY A 21 -9.06 20.74 -1.57
N GLY A 22 -9.56 20.83 -0.35
CA GLY A 22 -10.73 20.08 0.06
C GLY A 22 -10.50 18.60 0.28
N LYS A 23 -9.25 18.13 0.29
CA LYS A 23 -8.96 16.71 0.41
C LYS A 23 -7.77 16.47 1.34
N PRO A 24 -7.89 15.53 2.28
CA PRO A 24 -6.80 15.29 3.23
C PRO A 24 -5.61 14.62 2.56
N VAL A 25 -4.44 15.20 2.75
CA VAL A 25 -3.18 14.68 2.22
C VAL A 25 -2.28 14.36 3.41
N VAL A 26 -1.82 13.12 3.48
CA VAL A 26 -0.86 12.72 4.50
C VAL A 26 0.54 13.10 4.04
N LEU A 27 1.36 13.60 4.98
CA LEU A 27 2.68 14.12 4.66
C LEU A 27 3.77 13.16 5.09
N GLU A 28 4.85 13.15 4.32
CA GLU A 28 6.03 12.35 4.61
C GLU A 28 6.91 13.03 5.66
N ASN A 29 7.58 12.23 6.47
CA ASN A 29 8.53 12.71 7.46
C ASN A 29 9.91 12.87 6.83
N ALA A 30 10.90 13.18 7.66
CA ALA A 30 12.27 13.31 7.16
C ALA A 30 12.80 12.00 6.61
N GLU A 31 12.35 10.87 7.16
CA GLU A 31 12.75 9.53 6.71
C GLU A 31 11.95 9.07 5.49
N GLY A 32 11.22 9.96 4.84
CA GLY A 32 10.43 9.60 3.68
C GLY A 32 9.31 8.63 3.93
N GLU A 33 8.81 8.56 5.15
CA GLU A 33 7.77 7.60 5.53
C GLU A 33 6.52 8.34 5.95
N ARG A 34 5.37 7.82 5.53
CA ARG A 34 4.07 8.41 5.87
C ARG A 34 3.66 8.16 7.32
N VAL A 35 4.43 7.42 8.10
CA VAL A 35 4.17 7.21 9.53
C VAL A 35 5.46 7.42 10.31
N THR A 36 5.33 7.98 11.50
CA THR A 36 6.47 8.17 12.38
C THR A 36 6.24 7.33 13.63
N PRO A 37 7.11 6.37 13.92
CA PRO A 37 6.97 5.61 15.17
C PRO A 37 6.89 6.53 16.37
N SER A 38 6.03 6.17 17.33
CA SER A 38 5.91 6.93 18.56
C SER A 38 6.93 6.41 19.57
N VAL A 39 8.18 6.76 19.30
CA VAL A 39 9.32 6.26 20.06
C VAL A 39 10.35 7.38 20.20
N VAL A 40 10.84 7.57 21.43
CA VAL A 40 11.93 8.50 21.72
C VAL A 40 13.07 7.70 22.32
N ALA A 41 14.30 7.97 21.89
CA ALA A 41 15.48 7.27 22.38
C ALA A 41 16.44 8.26 23.02
N PHE A 42 16.77 8.02 24.28
CA PHE A 42 17.74 8.85 25.02
C PHE A 42 19.06 8.10 25.04
N ARG A 43 19.91 8.40 24.06
CA ARG A 43 21.23 7.83 23.93
C ARG A 43 22.26 8.86 24.38
N ASP A 44 23.52 8.46 24.44
CA ASP A 44 24.59 9.36 24.89
C ASP A 44 24.92 10.32 23.75
N GLY A 45 24.05 11.31 23.58
CA GLY A 45 24.16 12.27 22.52
C GLY A 45 22.78 12.78 22.15
N GLU A 46 22.68 13.32 20.93
CA GLU A 46 21.42 13.86 20.46
C GLU A 46 20.31 12.80 20.54
N THR A 47 19.16 13.21 21.08
CA THR A 47 18.09 12.28 21.34
C THR A 47 17.44 11.84 20.03
N LEU A 48 17.06 10.56 19.97
CA LEU A 48 16.47 9.97 18.77
C LEU A 48 14.96 9.88 18.91
N VAL A 49 14.25 10.33 17.88
CA VAL A 49 12.79 10.35 17.88
C VAL A 49 12.30 9.85 16.54
N GLY A 50 11.53 8.75 16.54
CA GLY A 50 10.97 8.23 15.32
C GLY A 50 11.49 6.86 14.94
N ARG A 51 11.84 6.67 13.66
CA ARG A 51 12.35 5.38 13.23
C ARG A 51 13.72 5.10 13.82
N MET A 52 14.65 6.06 13.72
CA MET A 52 15.99 5.84 14.26
C MET A 52 15.97 5.43 15.73
N ALA A 53 14.95 5.87 16.47
CA ALA A 53 14.77 5.40 17.85
C ALA A 53 14.30 3.95 17.86
N LYS A 54 13.26 3.65 17.08
CA LYS A 54 12.70 2.30 17.05
C LYS A 54 13.70 1.29 16.49
N ARG A 55 14.55 1.73 15.56
CA ARG A 55 15.56 0.85 14.98
C ARG A 55 16.66 0.45 15.95
N GLN A 56 16.78 1.10 17.11
CA GLN A 56 17.76 0.73 18.11
C GLN A 56 17.12 0.41 19.46
N ALA A 57 15.82 0.10 19.49
CA ALA A 57 15.11 -0.05 20.76
C ALA A 57 15.55 -1.29 21.53
N VAL A 58 15.94 -2.35 20.83
CA VAL A 58 16.37 -3.56 21.52
C VAL A 58 17.77 -3.36 22.09
N LEU A 59 18.60 -2.54 21.42
CA LEU A 59 19.96 -2.33 21.88
C LEU A 59 20.02 -1.35 23.06
N ASN A 60 19.05 -0.46 23.15
CA ASN A 60 19.05 0.61 24.15
C ASN A 60 17.75 0.54 24.96
N PRO A 61 17.62 -0.46 25.85
CA PRO A 61 16.35 -0.65 26.55
C PRO A 61 16.09 0.41 27.61
N GLU A 62 17.14 0.98 28.21
CA GLU A 62 16.96 1.93 29.29
C GLU A 62 16.60 3.32 28.80
N GLY A 63 17.09 3.70 27.61
CA GLY A 63 16.86 5.02 27.06
C GLY A 63 15.87 5.11 25.93
N THR A 64 15.16 4.05 25.59
CA THR A 64 14.16 4.07 24.53
C THR A 64 12.78 4.00 25.16
N ILE A 65 11.98 5.06 24.97
CA ILE A 65 10.64 5.16 25.53
C ILE A 65 9.65 4.86 24.42
N PHE A 66 8.91 3.76 24.57
CA PHE A 66 7.89 3.38 23.60
C PHE A 66 6.56 3.16 24.28
N GLU A 67 5.49 3.35 23.51
CA GLU A 67 4.11 3.21 24.00
C GLU A 67 3.86 4.08 25.22
N ILE A 68 4.39 5.32 25.19
CA ILE A 68 4.14 6.26 26.26
C ILE A 68 2.66 6.59 26.38
N LYS A 69 1.88 6.32 25.32
CA LYS A 69 0.46 6.65 25.33
C LYS A 69 -0.31 5.86 26.38
N ARG A 70 0.20 4.70 26.81
CA ARG A 70 -0.43 3.93 27.88
C ARG A 70 -0.35 4.62 29.24
N PHE A 71 0.50 5.63 29.38
CA PHE A 71 0.66 6.30 30.67
C PHE A 71 0.16 7.73 30.68
N ILE A 72 0.08 8.40 29.52
CA ILE A 72 -0.27 9.81 29.47
C ILE A 72 -1.59 10.05 30.19
N GLY A 73 -1.56 10.95 31.17
CA GLY A 73 -2.75 11.40 31.85
C GLY A 73 -3.31 10.50 32.94
N ARG A 74 -2.63 9.39 33.26
CA ARG A 74 -3.09 8.53 34.35
C ARG A 74 -2.22 8.71 35.59
N ARG A 75 -2.76 8.28 36.72
CA ARG A 75 -2.04 8.28 37.98
C ARG A 75 -1.35 6.95 38.20
N PHE A 76 -0.25 6.98 38.97
CA PHE A 76 0.61 5.81 39.07
C PHE A 76 -0.11 4.62 39.68
N GLU A 77 -0.88 4.84 40.75
CA GLU A 77 -1.58 3.75 41.41
C GLU A 77 -2.46 2.95 40.46
N GLU A 78 -2.83 3.52 39.31
CA GLU A 78 -3.65 2.86 38.32
C GLU A 78 -2.83 2.13 37.25
N VAL A 79 -1.52 2.37 37.19
CA VAL A 79 -0.69 1.86 36.11
C VAL A 79 0.45 0.98 36.62
N GLN A 80 0.46 0.66 37.91
CA GLN A 80 1.56 -0.09 38.51
C GLN A 80 1.94 -1.33 37.70
N GLU A 81 0.94 -2.02 37.17
CA GLU A 81 1.20 -3.29 36.50
C GLU A 81 1.85 -3.07 35.13
N GLU A 82 1.33 -2.13 34.33
CA GLU A 82 1.90 -1.88 33.02
C GLU A 82 3.35 -1.41 33.12
N ALA A 83 3.73 -0.78 34.24
CA ALA A 83 5.11 -0.40 34.45
C ALA A 83 6.01 -1.61 34.65
N LYS A 84 5.47 -2.68 35.25
CA LYS A 84 6.23 -3.91 35.36
C LYS A 84 6.41 -4.60 34.01
N ARG A 85 5.66 -4.18 32.99
CA ARG A 85 5.75 -4.75 31.66
C ARG A 85 6.66 -3.96 30.72
N VAL A 86 7.24 -2.85 31.17
CA VAL A 86 8.10 -2.05 30.31
C VAL A 86 9.55 -2.13 30.80
N PRO A 87 10.52 -2.11 29.88
CA PRO A 87 11.93 -2.20 30.30
C PRO A 87 12.49 -0.89 30.83
N TYR A 88 11.84 0.24 30.56
CA TYR A 88 12.34 1.51 31.07
C TYR A 88 11.72 1.84 32.43
N LYS A 89 12.38 2.73 33.15
CA LYS A 89 11.94 3.06 34.50
C LYS A 89 10.71 3.94 34.46
N VAL A 90 9.68 3.53 35.20
CA VAL A 90 8.44 4.30 35.35
C VAL A 90 8.27 4.61 36.84
N VAL A 91 8.31 5.89 37.18
CA VAL A 91 8.29 6.31 38.58
C VAL A 91 7.19 7.33 38.80
N PRO A 92 6.65 7.46 40.01
CA PRO A 92 5.63 8.47 40.27
C PRO A 92 6.25 9.84 40.52
N GLY A 93 5.42 10.87 40.34
CA GLY A 93 5.85 12.24 40.52
C GLY A 93 5.37 12.83 41.82
N PRO A 94 5.64 14.13 42.01
CA PRO A 94 5.18 14.81 43.24
C PRO A 94 3.66 14.90 43.33
N ASP A 95 2.95 14.54 42.27
CA ASP A 95 1.50 14.71 42.19
C ASP A 95 0.76 13.40 42.09
N GLY A 96 1.45 12.27 42.21
CA GLY A 96 0.87 10.99 41.88
C GLY A 96 0.91 10.65 40.41
N GLY A 97 1.57 11.47 39.60
CA GLY A 97 1.58 11.28 38.17
C GLY A 97 2.53 10.18 37.74
N VAL A 98 2.84 10.19 36.44
CA VAL A 98 3.76 9.24 35.84
C VAL A 98 4.96 10.02 35.31
N ARG A 99 6.16 9.49 35.56
CA ARG A 99 7.39 10.06 35.05
C ARG A 99 8.24 8.94 34.47
N VAL A 100 9.05 9.25 33.47
CA VAL A 100 10.03 8.31 32.93
C VAL A 100 11.42 8.80 33.32
N GLU A 101 12.21 7.91 33.92
CA GLU A 101 13.52 8.26 34.43
C GLU A 101 14.59 7.62 33.56
N VAL A 102 15.36 8.45 32.86
CA VAL A 102 16.48 8.00 32.05
C VAL A 102 17.75 8.63 32.61
N LYS A 103 18.70 7.78 33.02
CA LYS A 103 19.96 8.22 33.61
C LYS A 103 19.75 9.21 34.76
N GLY A 104 18.63 9.08 35.47
CA GLY A 104 18.30 9.95 36.58
C GLY A 104 17.43 11.14 36.20
N LYS A 105 17.51 11.60 34.96
CA LYS A 105 16.63 12.68 34.53
C LYS A 105 15.18 12.21 34.53
N LEU A 106 14.26 13.17 34.49
CA LEU A 106 12.84 12.85 34.61
C LEU A 106 12.02 13.59 33.57
N TYR A 107 11.23 12.84 32.81
CA TYR A 107 10.32 13.39 31.82
C TYR A 107 8.89 12.94 32.14
N THR A 108 7.91 13.74 31.63
CA THR A 108 6.49 13.41 31.70
C THR A 108 6.01 12.83 30.38
N PRO A 109 4.98 11.98 30.39
CA PRO A 109 4.45 11.45 29.12
C PRO A 109 4.00 12.55 28.17
N GLU A 110 3.62 13.71 28.69
CA GLU A 110 3.33 14.85 27.83
C GLU A 110 4.60 15.36 27.17
N GLU A 111 5.74 15.31 27.87
CA GLU A 111 6.99 15.75 27.28
C GLU A 111 7.52 14.75 26.26
N ILE A 112 7.39 13.46 26.55
CA ILE A 112 7.77 12.45 25.58
C ILE A 112 6.89 12.57 24.34
N SER A 113 5.57 12.62 24.53
CA SER A 113 4.65 12.78 23.40
C SER A 113 4.95 14.05 22.63
N ALA A 114 5.29 15.14 23.32
CA ALA A 114 5.55 16.41 22.64
C ALA A 114 6.74 16.30 21.69
N MET A 115 7.71 15.44 22.02
CA MET A 115 8.84 15.23 21.11
C MET A 115 8.39 14.59 19.80
N ILE A 116 7.50 13.60 19.88
CA ILE A 116 6.97 12.97 18.67
C ILE A 116 6.19 14.00 17.85
N LEU A 117 5.35 14.78 18.52
CA LEU A 117 4.53 15.78 17.83
C LEU A 117 5.40 16.86 17.18
N ARG A 118 6.43 17.31 17.89
CA ARG A 118 7.30 18.34 17.33
C ARG A 118 7.98 17.86 16.05
N LYS A 119 8.49 16.62 16.08
CA LYS A 119 9.15 16.08 14.90
C LYS A 119 8.19 16.01 13.73
N LEU A 120 6.93 15.64 14.00
CA LEU A 120 5.94 15.56 12.92
C LEU A 120 5.67 16.92 12.31
N VAL A 121 5.58 17.95 13.15
CA VAL A 121 5.28 19.29 12.62
C VAL A 121 6.50 19.87 11.93
N GLU A 122 7.70 19.65 12.48
CA GLU A 122 8.92 20.13 11.86
C GLU A 122 9.04 19.61 10.43
N ASP A 123 9.04 18.28 10.27
CA ASP A 123 9.21 17.69 8.94
C ASP A 123 8.05 18.03 8.02
N ALA A 124 6.84 18.16 8.55
CA ALA A 124 5.70 18.51 7.71
C ALA A 124 5.80 19.97 7.26
N SER A 125 6.26 20.86 8.14
CA SER A 125 6.43 22.25 7.75
C SER A 125 7.43 22.38 6.62
N LYS A 126 8.50 21.58 6.63
CA LYS A 126 9.43 21.55 5.50
C LYS A 126 8.74 21.06 4.23
N LYS A 127 7.91 20.02 4.35
CA LYS A 127 7.26 19.45 3.17
C LYS A 127 6.25 20.42 2.56
N LEU A 128 5.63 21.27 3.38
CA LEU A 128 4.64 22.21 2.89
C LEU A 128 5.20 23.60 2.61
N GLY A 129 6.40 23.91 3.10
CA GLY A 129 6.95 25.22 2.87
C GLY A 129 6.28 26.34 3.62
N GLU A 130 5.45 26.01 4.61
CA GLU A 130 4.82 27.00 5.48
C GLU A 130 4.88 26.49 6.91
N LYS A 131 4.88 27.39 7.88
CA LYS A 131 4.98 26.97 9.27
C LYS A 131 3.61 26.51 9.77
N ILE A 132 3.60 25.38 10.47
CA ILE A 132 2.38 24.78 10.99
C ILE A 132 2.30 25.06 12.49
N THR A 133 1.23 25.72 12.91
CA THR A 133 1.05 26.08 14.31
C THR A 133 -0.29 25.64 14.89
N LYS A 134 -1.24 25.20 14.07
CA LYS A 134 -2.58 24.87 14.54
C LYS A 134 -2.93 23.46 14.10
N ALA A 135 -3.39 22.65 15.04
CA ALA A 135 -3.63 21.23 14.78
C ALA A 135 -4.84 20.75 15.56
N VAL A 136 -5.41 19.65 15.06
CA VAL A 136 -6.43 18.89 15.76
C VAL A 136 -5.84 17.53 16.08
N ILE A 137 -5.80 17.17 17.36
CA ILE A 137 -5.19 15.91 17.80
C ILE A 137 -6.29 14.98 18.27
N THR A 138 -6.10 13.69 18.01
CA THR A 138 -7.09 12.66 18.27
C THR A 138 -6.67 11.78 19.44
N VAL A 139 -7.66 11.20 20.11
CA VAL A 139 -7.45 10.33 21.28
C VAL A 139 -8.47 9.21 21.26
N PRO A 140 -8.12 8.09 21.90
CA PRO A 140 -9.07 6.98 21.98
C PRO A 140 -10.37 7.41 22.64
N ALA A 141 -11.48 6.81 22.19
CA ALA A 141 -12.81 7.21 22.67
C ALA A 141 -12.93 7.07 24.19
N TYR A 142 -12.16 6.17 24.79
CA TYR A 142 -12.24 5.89 26.22
C TYR A 142 -11.33 6.78 27.06
N PHE A 143 -10.66 7.75 26.46
CA PHE A 143 -9.87 8.70 27.23
C PHE A 143 -10.78 9.64 28.01
N ASN A 144 -10.33 10.01 29.21
CA ASN A 144 -11.05 10.94 30.06
C ASN A 144 -10.49 12.35 29.88
N ASN A 145 -11.02 13.30 30.65
CA ASN A 145 -10.58 14.69 30.53
C ASN A 145 -9.10 14.85 30.86
N ALA A 146 -8.62 14.12 31.88
CA ALA A 146 -7.20 14.17 32.21
C ALA A 146 -6.34 13.75 31.02
N GLN A 147 -6.73 12.65 30.37
CA GLN A 147 -5.96 12.16 29.22
C GLN A 147 -6.15 13.06 27.99
N ARG A 148 -7.33 13.65 27.82
CA ARG A 148 -7.53 14.58 26.72
C ARG A 148 -6.74 15.87 26.95
N GLU A 149 -6.74 16.40 28.18
CA GLU A 149 -5.98 17.61 28.46
C GLU A 149 -4.47 17.34 28.39
N ALA A 150 -4.02 16.19 28.91
CA ALA A 150 -2.60 15.85 28.82
C ALA A 150 -2.16 15.76 27.36
N THR A 151 -2.98 15.14 26.50
CA THR A 151 -2.68 15.12 25.08
C THR A 151 -2.67 16.52 24.49
N ALA A 152 -3.67 17.34 24.82
CA ALA A 152 -3.67 18.74 24.38
C ALA A 152 -2.42 19.46 24.87
N ASN A 153 -2.01 19.17 26.12
CA ASN A 153 -0.77 19.74 26.64
C ASN A 153 0.43 19.30 25.81
N ALA A 154 0.50 18.02 25.46
CA ALA A 154 1.62 17.52 24.66
C ALA A 154 1.74 18.27 23.34
N GLY A 155 0.62 18.69 22.75
CA GLY A 155 0.64 19.47 21.53
C GLY A 155 1.05 20.91 21.77
N ARG A 156 0.62 21.49 22.89
CA ARG A 156 1.04 22.84 23.21
C ARG A 156 2.54 22.90 23.51
N ILE A 157 3.03 21.92 24.28
CA ILE A 157 4.45 21.85 24.57
C ILE A 157 5.26 21.76 23.28
N ALA A 158 4.74 21.06 22.28
CA ALA A 158 5.40 21.00 20.98
C ALA A 158 5.25 22.29 20.19
N GLY A 159 4.58 23.30 20.74
CA GLY A 159 4.45 24.57 20.06
C GLY A 159 3.24 24.68 19.16
N LEU A 160 2.16 23.98 19.46
CA LEU A 160 0.96 23.95 18.63
C LEU A 160 -0.21 24.63 19.32
N GLU A 161 -1.00 25.37 18.54
CA GLU A 161 -2.31 25.83 18.99
C GLU A 161 -3.30 24.70 18.78
N VAL A 162 -3.70 24.06 19.86
CA VAL A 162 -4.61 22.91 19.79
C VAL A 162 -6.04 23.43 19.60
N LEU A 163 -6.67 23.05 18.49
CA LEU A 163 -8.01 23.52 18.19
C LEU A 163 -9.10 22.69 18.85
N ARG A 164 -8.90 21.38 18.98
CA ARG A 164 -9.89 20.46 19.52
C ARG A 164 -9.25 19.10 19.71
N ILE A 165 -9.73 18.36 20.72
CA ILE A 165 -9.31 16.99 20.96
C ILE A 165 -10.51 16.09 20.68
N ILE A 166 -10.51 15.42 19.54
CA ILE A 166 -11.65 14.63 19.10
C ILE A 166 -11.31 13.15 19.20
N ASN A 167 -12.35 12.31 19.11
CA ASN A 167 -12.19 10.87 19.19
C ASN A 167 -11.66 10.29 17.88
N GLU A 168 -10.73 9.34 18.02
CA GLU A 168 -10.24 8.57 16.87
C GLU A 168 -11.35 7.95 16.05
N PRO A 169 -12.33 7.23 16.61
CA PRO A 169 -13.37 6.64 15.75
C PRO A 169 -14.19 7.68 15.01
N THR A 170 -14.44 8.83 15.61
CA THR A 170 -15.11 9.91 14.90
C THR A 170 -14.24 10.40 13.74
N ALA A 171 -12.95 10.60 13.99
CA ALA A 171 -12.03 10.99 12.93
C ALA A 171 -12.07 9.99 11.78
N ALA A 172 -12.14 8.70 12.09
CA ALA A 172 -12.22 7.69 11.03
C ALA A 172 -13.53 7.83 10.24
N ALA A 173 -14.65 8.00 10.93
CA ALA A 173 -15.93 8.16 10.26
C ALA A 173 -15.93 9.40 9.39
N LEU A 174 -15.31 10.49 9.86
CA LEU A 174 -15.14 11.68 9.04
C LEU A 174 -14.38 11.35 7.77
N ALA A 175 -13.26 10.63 7.90
CA ALA A 175 -12.42 10.33 6.74
C ALA A 175 -13.14 9.44 5.74
N TYR A 176 -14.01 8.54 6.21
CA TYR A 176 -14.83 7.73 5.32
C TYR A 176 -16.08 8.45 4.84
N GLY A 177 -16.29 9.70 5.27
CA GLY A 177 -17.43 10.46 4.82
C GLY A 177 -18.78 9.99 5.32
N LEU A 178 -18.80 9.18 6.38
CA LEU A 178 -20.08 8.67 6.88
C LEU A 178 -20.92 9.73 7.57
N ASP A 179 -20.39 10.93 7.78
CA ASP A 179 -21.25 12.03 8.21
C ASP A 179 -22.12 12.55 7.07
N LYS A 180 -21.93 12.04 5.85
CA LYS A 180 -22.68 12.51 4.69
C LYS A 180 -23.59 11.43 4.11
N LYS A 181 -23.98 10.45 4.92
CA LYS A 181 -24.85 9.35 4.49
C LYS A 181 -26.01 9.18 5.45
N GLY A 182 -26.62 10.29 5.85
CA GLY A 182 -27.78 10.22 6.74
C GLY A 182 -27.51 9.39 7.98
N ASN A 183 -28.43 8.47 8.25
CA ASN A 183 -28.39 7.65 9.47
C ASN A 183 -27.50 6.43 9.25
N GLU A 184 -26.35 6.41 9.93
CA GLU A 184 -25.41 5.31 9.87
C GLU A 184 -25.11 4.81 11.27
N THR A 185 -25.09 3.49 11.44
CA THR A 185 -24.65 2.85 12.68
C THR A 185 -23.35 2.15 12.37
N VAL A 186 -22.24 2.73 12.84
CA VAL A 186 -20.91 2.39 12.40
C VAL A 186 -20.19 1.61 13.50
N LEU A 187 -19.68 0.44 13.15
CA LEU A 187 -18.75 -0.29 13.98
C LEU A 187 -17.35 0.01 13.47
N VAL A 188 -16.57 0.72 14.27
CA VAL A 188 -15.17 1.01 13.95
C VAL A 188 -14.31 -0.12 14.48
N PHE A 189 -13.57 -0.78 13.59
CA PHE A 189 -12.77 -1.96 13.91
C PHE A 189 -11.30 -1.54 13.87
N ASP A 190 -10.78 -1.07 15.01
CA ASP A 190 -9.46 -0.45 15.07
C ASP A 190 -8.45 -1.44 15.64
N LEU A 191 -7.55 -1.92 14.79
CA LEU A 191 -6.48 -2.84 15.18
C LEU A 191 -5.14 -2.25 14.74
N GLY A 192 -4.35 -1.76 15.69
CA GLY A 192 -3.10 -1.11 15.36
C GLY A 192 -1.86 -1.86 15.80
N GLY A 193 -0.87 -1.13 16.31
CA GLY A 193 0.39 -1.77 16.67
C GLY A 193 0.27 -2.67 17.88
N GLY A 194 -0.34 -2.18 18.95
CA GLY A 194 -0.38 -2.94 20.19
C GLY A 194 -1.74 -3.08 20.82
N THR A 195 -2.74 -2.37 20.29
CA THR A 195 -4.05 -2.25 20.90
C THR A 195 -5.15 -2.58 19.90
N PHE A 196 -6.27 -3.09 20.41
CA PHE A 196 -7.45 -3.41 19.61
C PHE A 196 -8.67 -2.70 20.17
N ASP A 197 -9.39 -1.97 19.31
CA ASP A 197 -10.42 -1.03 19.76
C ASP A 197 -11.66 -1.17 18.90
N VAL A 198 -12.80 -1.48 19.54
CA VAL A 198 -14.09 -1.59 18.86
C VAL A 198 -15.00 -0.48 19.36
N THR A 199 -15.48 0.36 18.44
CA THR A 199 -16.35 1.48 18.77
C THR A 199 -17.62 1.41 17.92
N ILE A 200 -18.76 1.61 18.56
CA ILE A 200 -20.05 1.67 17.88
C ILE A 200 -20.54 3.11 17.93
N LEU A 201 -20.68 3.72 16.77
CA LEU A 201 -21.07 5.12 16.65
C LEU A 201 -22.48 5.20 16.07
N GLU A 202 -23.34 5.94 16.74
CA GLU A 202 -24.67 6.24 16.22
C GLU A 202 -24.57 7.59 15.50
N ILE A 203 -24.24 7.55 14.21
CA ILE A 203 -24.23 8.76 13.41
C ILE A 203 -25.63 9.02 12.91
N GLY A 204 -26.12 10.22 13.17
CA GLY A 204 -27.46 10.62 12.78
C GLY A 204 -27.71 12.06 13.19
N GLU A 205 -28.20 12.87 12.25
CA GLU A 205 -28.49 14.27 12.49
C GLU A 205 -27.29 15.02 13.05
N GLY A 206 -26.09 14.55 12.74
CA GLY A 206 -24.86 15.25 13.10
C GLY A 206 -24.28 14.91 14.46
N VAL A 207 -25.02 14.22 15.32
CA VAL A 207 -24.49 13.78 16.61
C VAL A 207 -23.78 12.45 16.43
N PHE A 208 -22.49 12.42 16.75
CA PHE A 208 -21.70 11.18 16.76
C PHE A 208 -21.73 10.61 18.17
N GLU A 209 -22.79 9.88 18.47
CA GLU A 209 -23.01 9.36 19.82
C GLU A 209 -22.31 8.01 19.95
N VAL A 210 -21.25 7.96 20.76
CA VAL A 210 -20.60 6.69 21.06
C VAL A 210 -21.54 5.83 21.88
N LYS A 211 -21.84 4.63 21.38
CA LYS A 211 -22.82 3.75 21.98
C LYS A 211 -22.23 2.58 22.75
N ALA A 212 -20.97 2.24 22.50
CA ALA A 212 -20.31 1.10 23.14
C ALA A 212 -18.83 1.17 22.83
N THR A 213 -18.01 0.74 23.81
CA THR A 213 -16.59 0.53 23.57
C THR A 213 -16.18 -0.83 24.13
N SER A 214 -15.20 -1.43 23.47
CA SER A 214 -14.55 -2.65 23.95
C SER A 214 -13.17 -2.72 23.30
N GLY A 215 -12.41 -3.73 23.66
CA GLY A 215 -11.15 -3.95 22.99
C GLY A 215 -10.20 -4.79 23.81
N ASP A 216 -8.96 -4.81 23.34
CA ASP A 216 -7.87 -5.61 23.91
C ASP A 216 -6.64 -4.72 23.93
N THR A 217 -6.22 -4.29 25.13
CA THR A 217 -5.12 -3.34 25.20
C THR A 217 -3.77 -3.97 24.88
N HIS A 218 -3.70 -5.29 24.70
CA HIS A 218 -2.47 -5.99 24.35
C HIS A 218 -2.74 -6.96 23.21
N LEU A 219 -3.17 -6.41 22.07
CA LEU A 219 -3.45 -7.18 20.88
C LEU A 219 -3.25 -6.27 19.68
N GLY A 220 -2.25 -6.57 18.87
CA GLY A 220 -1.95 -5.70 17.75
C GLY A 220 -0.97 -6.34 16.81
N GLY A 221 -0.49 -5.53 15.86
CA GLY A 221 0.38 -6.04 14.81
C GLY A 221 1.73 -6.48 15.32
N SER A 222 2.19 -5.91 16.44
CA SER A 222 3.47 -6.34 17.00
C SER A 222 3.39 -7.75 17.54
N ASP A 223 2.22 -8.20 17.96
CA ASP A 223 2.07 -9.57 18.43
C ASP A 223 2.25 -10.56 17.28
N MET A 224 1.75 -10.20 16.09
CA MET A 224 2.07 -10.99 14.89
C MET A 224 3.56 -10.99 14.62
N ASP A 225 4.22 -9.84 14.84
CA ASP A 225 5.65 -9.75 14.61
C ASP A 225 6.42 -10.71 15.52
N HIS A 226 6.10 -10.70 16.81
CA HIS A 226 6.80 -11.57 17.75
C HIS A 226 6.55 -13.04 17.44
N ALA A 227 5.35 -13.36 16.94
CA ALA A 227 5.06 -14.74 16.55
C ALA A 227 6.03 -15.21 15.48
N ILE A 228 6.33 -14.36 14.50
CA ILE A 228 7.33 -14.69 13.50
C ILE A 228 8.71 -14.81 14.13
N VAL A 229 9.02 -13.91 15.08
CA VAL A 229 10.33 -13.90 15.71
C VAL A 229 10.57 -15.22 16.43
N ASN A 230 9.63 -15.63 17.29
CA ASN A 230 9.79 -16.88 18.01
C ASN A 230 9.89 -18.08 17.07
N TRP A 231 9.16 -18.05 15.96
CA TRP A 231 9.30 -19.11 14.98
C TRP A 231 10.70 -19.10 14.36
N LEU A 232 11.21 -17.93 14.01
CA LEU A 232 12.53 -17.85 13.38
C LEU A 232 13.64 -18.24 14.33
N ALA A 233 13.51 -17.88 15.61
CA ALA A 233 14.57 -18.20 16.57
C ALA A 233 14.58 -19.70 16.90
N GLU A 234 13.41 -20.30 17.07
CA GLU A 234 13.34 -21.74 17.33
C GLU A 234 13.93 -22.54 16.19
N GLU A 235 13.61 -22.15 14.95
CA GLU A 235 14.16 -22.81 13.77
C GLU A 235 15.67 -22.62 13.65
N PHE A 236 16.20 -21.55 14.23
CA PHE A 236 17.63 -21.28 14.20
C PHE A 236 18.39 -21.96 15.33
N LYS A 237 17.76 -22.05 16.51
CA LYS A 237 18.35 -22.84 17.59
C LYS A 237 18.44 -24.31 17.19
N LYS A 238 17.40 -24.83 16.53
CA LYS A 238 17.41 -26.23 16.11
C LYS A 238 18.46 -26.49 15.05
N GLU A 239 18.76 -25.50 14.19
CA GLU A 239 19.70 -25.67 13.10
C GLU A 239 21.15 -25.45 13.55
N HIS A 240 21.38 -24.59 14.55
CA HIS A 240 22.74 -24.20 14.92
C HIS A 240 23.04 -24.17 16.41
N GLY A 241 22.08 -24.46 17.27
CA GLY A 241 22.34 -24.35 18.70
C GLY A 241 22.62 -22.94 19.17
N VAL A 242 22.29 -21.94 18.37
CA VAL A 242 22.45 -20.54 18.72
C VAL A 242 21.08 -19.94 19.02
N ASP A 243 20.95 -19.29 20.17
CA ASP A 243 19.69 -18.66 20.57
C ASP A 243 19.77 -17.17 20.26
N LEU A 244 19.29 -16.79 19.07
CA LEU A 244 19.38 -15.42 18.61
C LEU A 244 18.63 -14.43 19.51
N LYS A 245 17.70 -14.92 20.33
CA LYS A 245 16.99 -14.03 21.25
C LYS A 245 17.86 -13.55 22.40
N ALA A 246 19.02 -14.17 22.62
CA ALA A 246 19.94 -13.76 23.68
C ALA A 246 20.92 -12.69 23.25
N ASP A 247 21.04 -12.42 21.95
CA ASP A 247 21.92 -11.39 21.43
C ASP A 247 21.06 -10.19 21.01
N ARG A 248 21.14 -9.10 21.79
CA ARG A 248 20.33 -7.92 21.49
C ARG A 248 20.53 -7.44 20.06
N GLN A 249 21.71 -7.62 19.48
CA GLN A 249 21.91 -7.16 18.11
C GLN A 249 21.17 -8.06 17.13
N ALA A 250 21.26 -9.38 17.31
CA ALA A 250 20.51 -10.28 16.42
C ALA A 250 19.01 -10.15 16.65
N LEU A 251 18.58 -9.97 17.90
CA LEU A 251 17.16 -9.83 18.18
C LEU A 251 16.59 -8.58 17.51
N GLN A 252 17.37 -7.49 17.48
CA GLN A 252 16.91 -6.26 16.87
C GLN A 252 16.68 -6.43 15.36
N ARG A 253 17.52 -7.22 14.69
CA ARG A 253 17.32 -7.50 13.28
C ARG A 253 16.15 -8.45 13.04
N LEU A 254 15.90 -9.38 13.96
CA LEU A 254 14.75 -10.26 13.82
C LEU A 254 13.43 -9.48 13.91
N ILE A 255 13.32 -8.58 14.90
CA ILE A 255 12.12 -7.74 14.97
C ILE A 255 11.93 -6.98 13.67
N GLU A 256 13.01 -6.38 13.16
CA GLU A 256 12.93 -5.59 11.94
C GLU A 256 12.55 -6.46 10.74
N ALA A 257 13.17 -7.63 10.63
CA ALA A 257 12.89 -8.50 9.48
C ALA A 257 11.52 -9.16 9.58
N ALA A 258 11.07 -9.46 10.81
CA ALA A 258 9.76 -10.11 10.97
C ALA A 258 8.64 -9.22 10.46
N GLU A 259 8.60 -7.97 10.93
CA GLU A 259 7.55 -7.05 10.48
C GLU A 259 7.60 -6.84 8.97
N LYS A 260 8.79 -6.82 8.38
CA LYS A 260 8.86 -6.65 6.92
C LYS A 260 8.24 -7.84 6.21
N ALA A 261 8.51 -9.07 6.68
CA ALA A 261 7.94 -10.25 6.03
C ALA A 261 6.42 -10.30 6.19
N LYS A 262 5.94 -9.98 7.39
CA LYS A 262 4.50 -9.90 7.61
C LYS A 262 3.85 -8.95 6.61
N ILE A 263 4.44 -7.76 6.43
CA ILE A 263 3.87 -6.78 5.52
C ILE A 263 3.86 -7.30 4.10
N GLU A 264 4.97 -7.92 3.67
CA GLU A 264 5.00 -8.53 2.34
C GLU A 264 3.93 -9.60 2.19
N LEU A 265 3.69 -10.38 3.25
CA LEU A 265 2.69 -11.43 3.19
C LEU A 265 1.27 -10.90 3.22
N SER A 266 1.06 -9.60 3.38
CA SER A 266 -0.26 -9.06 3.15
C SER A 266 -0.60 -8.90 1.67
N SER A 267 0.40 -9.03 0.79
CA SER A 267 0.20 -8.85 -0.65
C SER A 267 0.59 -10.07 -1.47
N THR A 268 1.00 -11.16 -0.83
CA THR A 268 1.59 -12.26 -1.58
C THR A 268 1.57 -13.51 -0.71
N LEU A 269 1.83 -14.65 -1.34
CA LEU A 269 1.66 -15.92 -0.63
C LEU A 269 2.91 -16.36 0.12
N GLU A 270 4.09 -15.92 -0.29
CA GLU A 270 5.33 -16.41 0.32
C GLU A 270 6.41 -15.36 0.22
N THR A 271 7.24 -15.28 1.27
CA THR A 271 8.37 -14.36 1.28
C THR A 271 9.54 -15.01 2.01
N THR A 272 10.72 -14.43 1.86
CA THR A 272 11.95 -15.01 2.40
C THR A 272 12.63 -14.02 3.33
N ILE A 273 12.86 -14.43 4.57
CA ILE A 273 13.63 -13.66 5.54
C ILE A 273 15.10 -14.04 5.41
N SER A 274 15.95 -13.05 5.15
CA SER A 274 17.38 -13.29 4.91
C SER A 274 18.18 -12.32 5.78
N LEU A 275 18.79 -12.84 6.84
CA LEU A 275 19.59 -12.04 7.76
C LEU A 275 21.03 -12.53 7.74
N PRO A 276 21.85 -12.02 6.83
CA PRO A 276 23.23 -12.49 6.73
C PRO A 276 24.04 -12.07 7.94
N PHE A 277 25.10 -12.84 8.22
CA PHE A 277 26.02 -12.55 9.31
C PHE A 277 25.27 -12.31 10.61
N ILE A 278 24.30 -13.18 10.88
CA ILE A 278 23.43 -12.97 12.02
C ILE A 278 24.10 -13.45 13.31
N ALA A 279 24.89 -14.51 13.24
CA ALA A 279 25.56 -15.07 14.41
C ALA A 279 26.83 -15.79 13.96
N LEU A 280 27.62 -16.21 14.94
CA LEU A 280 28.86 -16.94 14.69
C LEU A 280 28.68 -18.41 15.04
N ASP A 281 29.16 -19.29 14.18
CA ASP A 281 29.05 -20.72 14.42
C ASP A 281 29.82 -21.09 15.69
N PRO A 282 29.19 -21.76 16.65
CA PRO A 282 29.85 -21.97 17.95
C PRO A 282 31.11 -22.81 17.87
N ALA A 283 31.21 -23.72 16.89
CA ALA A 283 32.37 -24.60 16.77
C ALA A 283 33.49 -23.97 15.95
N SER A 284 33.15 -23.38 14.81
CA SER A 284 34.16 -22.87 13.89
C SER A 284 34.34 -21.35 13.94
N LYS A 285 33.50 -20.65 14.69
CA LYS A 285 33.54 -19.18 14.81
C LYS A 285 33.34 -18.48 13.47
N THR A 286 32.83 -19.19 12.46
CA THR A 286 32.55 -18.60 11.17
C THR A 286 31.15 -17.97 11.16
N PRO A 287 30.88 -17.06 10.23
CA PRO A 287 29.58 -16.39 10.21
C PRO A 287 28.44 -17.31 9.79
N LEU A 288 27.27 -17.06 10.37
CA LEU A 288 26.05 -17.79 10.05
C LEU A 288 25.03 -16.84 9.43
N HIS A 289 24.32 -17.33 8.42
CA HIS A 289 23.32 -16.55 7.69
C HIS A 289 21.96 -17.21 7.84
N LEU A 290 20.99 -16.47 8.36
CA LEU A 290 19.63 -16.95 8.46
C LEU A 290 18.94 -16.77 7.12
N GLU A 291 18.26 -17.81 6.65
CA GLU A 291 17.51 -17.77 5.40
C GLU A 291 16.35 -18.76 5.51
N LYS A 292 15.16 -18.24 5.75
CA LYS A 292 13.95 -19.06 5.83
C LYS A 292 12.86 -18.43 4.98
N LYS A 293 11.99 -19.29 4.46
CA LYS A 293 10.84 -18.86 3.68
C LYS A 293 9.58 -19.02 4.51
N LEU A 294 8.81 -17.95 4.63
CA LEU A 294 7.56 -17.96 5.38
C LEU A 294 6.40 -17.89 4.40
N THR A 295 5.57 -18.92 4.41
CA THR A 295 4.33 -18.87 3.64
C THR A 295 3.26 -18.15 4.45
N ARG A 296 2.34 -17.49 3.74
CA ARG A 296 1.20 -16.89 4.42
C ARG A 296 0.44 -17.93 5.21
N ALA A 297 0.37 -19.16 4.68
CA ALA A 297 -0.33 -20.24 5.38
C ALA A 297 0.28 -20.48 6.76
N LYS A 298 1.62 -20.58 6.83
CA LYS A 298 2.27 -20.73 8.12
C LYS A 298 2.08 -19.48 8.98
N PHE A 299 2.27 -18.30 8.38
CA PHE A 299 2.07 -17.05 9.12
C PHE A 299 0.71 -17.02 9.81
N GLU A 300 -0.32 -17.48 9.11
CA GLU A 300 -1.67 -17.49 9.68
C GLU A 300 -1.82 -18.54 10.78
N GLU A 301 -1.18 -19.69 10.65
CA GLU A 301 -1.15 -20.64 11.76
C GLU A 301 -0.52 -20.01 12.99
N LEU A 302 0.57 -19.25 12.80
CA LEU A 302 1.27 -18.65 13.93
C LEU A 302 0.42 -17.60 14.63
N ILE A 303 -0.43 -16.86 13.90
CA ILE A 303 -1.18 -15.77 14.48
C ILE A 303 -2.61 -16.14 14.87
N GLN A 304 -3.09 -17.34 14.51
CA GLN A 304 -4.46 -17.76 14.84
C GLN A 304 -4.92 -17.38 16.25
N PRO A 305 -4.15 -17.61 17.32
CA PRO A 305 -4.59 -17.14 18.65
C PRO A 305 -4.83 -15.64 18.73
N LEU A 306 -4.16 -14.84 17.91
CA LEU A 306 -4.45 -13.42 17.87
C LEU A 306 -5.75 -13.15 17.12
N LEU A 307 -6.00 -13.89 16.03
CA LEU A 307 -7.23 -13.73 15.28
C LEU A 307 -8.45 -14.17 16.09
N LYS A 308 -8.33 -15.26 16.86
CA LYS A 308 -9.45 -15.74 17.65
C LYS A 308 -9.81 -14.81 18.79
N ARG A 309 -8.88 -13.97 19.25
CA ARG A 309 -9.18 -12.99 20.29
C ARG A 309 -9.86 -11.74 19.75
N LEU A 310 -10.02 -11.63 18.43
CA LEU A 310 -10.75 -10.48 17.89
C LEU A 310 -12.24 -10.57 18.20
N ARG A 311 -12.78 -11.78 18.31
CA ARG A 311 -14.22 -11.96 18.39
C ARG A 311 -14.81 -11.37 19.67
N GLY A 312 -14.14 -11.57 20.81
CA GLY A 312 -14.63 -11.13 22.10
C GLY A 312 -15.07 -9.69 22.16
N PRO A 313 -14.13 -8.76 21.93
CA PRO A 313 -14.50 -7.33 21.98
C PRO A 313 -15.62 -6.97 21.04
N VAL A 314 -15.65 -7.54 19.83
CA VAL A 314 -16.74 -7.25 18.90
C VAL A 314 -18.07 -7.72 19.48
N GLU A 315 -18.11 -8.93 20.01
CA GLU A 315 -19.35 -9.45 20.57
C GLU A 315 -19.81 -8.64 21.77
N GLN A 316 -18.88 -8.26 22.65
CA GLN A 316 -19.24 -7.49 23.84
C GLN A 316 -19.74 -6.10 23.49
N ALA A 317 -19.18 -5.47 22.45
CA ALA A 317 -19.63 -4.14 22.07
C ALA A 317 -21.03 -4.16 21.47
N LEU A 318 -21.33 -5.19 20.68
CA LEU A 318 -22.69 -5.36 20.18
C LEU A 318 -23.67 -5.54 21.34
N LYS A 319 -23.34 -6.41 22.28
CA LYS A 319 -24.22 -6.64 23.42
C LYS A 319 -24.34 -5.39 24.29
N ASP A 320 -23.22 -4.70 24.52
CA ASP A 320 -23.26 -3.48 25.31
C ASP A 320 -24.11 -2.38 24.66
N ALA A 321 -24.30 -2.45 23.35
CA ALA A 321 -25.11 -1.49 22.62
C ALA A 321 -26.50 -2.01 22.27
N GLY A 322 -26.80 -3.27 22.59
CA GLY A 322 -28.07 -3.86 22.22
C GLY A 322 -28.27 -4.04 20.73
N LEU A 323 -27.21 -4.35 20.00
CA LEU A 323 -27.26 -4.42 18.55
C LEU A 323 -26.84 -5.80 18.06
N THR A 324 -27.42 -6.19 16.90
CA THR A 324 -27.13 -7.37 16.11
C THR A 324 -26.16 -7.02 14.98
N PRO A 325 -25.31 -7.95 14.56
CA PRO A 325 -24.54 -7.73 13.32
C PRO A 325 -25.39 -7.17 12.18
N ALA A 326 -26.63 -7.64 12.04
CA ALA A 326 -27.50 -7.14 10.98
C ALA A 326 -27.88 -5.69 11.18
N GLN A 327 -27.87 -5.21 12.42
CA GLN A 327 -28.26 -3.83 12.69
C GLN A 327 -27.10 -2.85 12.51
N ILE A 328 -25.85 -3.33 12.45
CA ILE A 328 -24.74 -2.46 12.09
C ILE A 328 -24.91 -2.03 10.64
N ASP A 329 -24.85 -0.72 10.41
CA ASP A 329 -25.00 -0.22 9.05
C ASP A 329 -23.68 -0.14 8.29
N GLU A 330 -22.55 -0.11 8.99
CA GLU A 330 -21.25 -0.04 8.33
C GLU A 330 -20.14 -0.42 9.29
N VAL A 331 -19.19 -1.21 8.81
CA VAL A 331 -17.99 -1.57 9.55
C VAL A 331 -16.79 -0.98 8.81
N ILE A 332 -16.04 -0.11 9.48
CA ILE A 332 -14.86 0.51 8.88
C ILE A 332 -13.62 -0.03 9.56
N LEU A 333 -12.57 -0.25 8.77
CA LEU A 333 -11.33 -0.88 9.23
C LEU A 333 -10.30 0.20 9.49
N VAL A 334 -9.77 0.22 10.72
CA VAL A 334 -8.84 1.23 11.18
C VAL A 334 -7.60 0.53 11.73
N GLY A 335 -6.44 1.07 11.43
CA GLY A 335 -5.20 0.54 11.96
C GLY A 335 -4.41 -0.20 10.88
N GLY A 336 -3.09 -0.03 10.90
CA GLY A 336 -2.27 -0.68 9.89
C GLY A 336 -2.46 -2.18 9.86
N ALA A 337 -2.87 -2.77 10.98
CA ALA A 337 -2.98 -4.21 11.08
C ALA A 337 -4.24 -4.77 10.42
N THR A 338 -5.25 -3.94 10.16
CA THR A 338 -6.40 -4.54 9.45
C THR A 338 -6.09 -4.88 8.00
N ARG A 339 -4.88 -4.59 7.52
CA ARG A 339 -4.50 -4.99 6.17
C ARG A 339 -4.22 -6.48 6.05
N VAL A 340 -3.99 -7.16 7.16
CA VAL A 340 -3.73 -8.60 7.11
C VAL A 340 -4.99 -9.24 6.53
N PRO A 341 -4.90 -9.90 5.38
CA PRO A 341 -6.09 -10.54 4.79
C PRO A 341 -6.87 -11.40 5.77
N ALA A 342 -6.18 -12.04 6.71
CA ALA A 342 -6.87 -12.88 7.69
C ALA A 342 -7.74 -12.06 8.64
N VAL A 343 -7.25 -10.89 9.10
CA VAL A 343 -8.11 -10.03 9.91
C VAL A 343 -9.38 -9.67 9.13
N GLN A 344 -9.22 -9.36 7.84
CA GLN A 344 -10.37 -8.96 7.02
C GLN A 344 -11.40 -10.08 6.94
N GLN A 345 -10.95 -11.31 6.71
CA GLN A 345 -11.87 -12.44 6.70
C GLN A 345 -12.54 -12.62 8.06
N VAL A 346 -11.77 -12.45 9.15
CA VAL A 346 -12.34 -12.55 10.49
C VAL A 346 -13.44 -11.52 10.69
N VAL A 347 -13.27 -10.32 10.12
CA VAL A 347 -14.31 -9.29 10.23
C VAL A 347 -15.55 -9.70 9.46
N ARG A 348 -15.38 -10.20 8.23
CA ARG A 348 -16.51 -10.70 7.45
C ARG A 348 -17.28 -11.76 8.24
N GLU A 349 -16.56 -12.72 8.83
CA GLU A 349 -17.23 -13.81 9.54
C GLU A 349 -17.89 -13.35 10.82
N LEU A 350 -17.39 -12.28 11.44
CA LEU A 350 -17.95 -11.82 12.71
C LEU A 350 -19.25 -11.06 12.52
N LEU A 351 -19.33 -10.25 11.47
CA LEU A 351 -20.45 -9.33 11.29
C LEU A 351 -21.26 -9.58 10.03
N GLY A 352 -20.84 -10.52 9.18
CA GLY A 352 -21.61 -10.86 7.99
C GLY A 352 -21.74 -9.75 6.98
N LYS A 353 -20.84 -8.78 6.98
CA LYS A 353 -20.91 -7.64 6.08
C LYS A 353 -19.54 -7.37 5.48
N GLU A 354 -19.53 -6.79 4.30
CA GLU A 354 -18.27 -6.45 3.65
C GLU A 354 -17.75 -5.15 4.22
N PRO A 355 -16.57 -5.15 4.85
CA PRO A 355 -16.11 -3.94 5.53
C PRO A 355 -15.56 -2.91 4.56
N ASN A 356 -15.82 -1.64 4.87
CA ASN A 356 -15.28 -0.53 4.09
C ASN A 356 -13.78 -0.47 4.29
N ARG A 357 -13.03 -0.56 3.18
CA ARG A 357 -11.56 -0.47 3.20
C ARG A 357 -11.08 0.58 2.20
N SER A 358 -11.87 1.63 1.99
CA SER A 358 -11.55 2.62 0.96
C SER A 358 -10.27 3.37 1.31
N VAL A 359 -10.27 3.99 2.48
CA VAL A 359 -9.19 4.86 2.94
C VAL A 359 -8.08 4.00 3.54
N ASN A 360 -6.84 4.45 3.37
CA ASN A 360 -5.71 3.77 4.00
C ASN A 360 -5.97 3.60 5.50
N PRO A 361 -5.87 2.37 6.02
CA PRO A 361 -6.28 2.14 7.42
C PRO A 361 -5.39 2.85 8.43
N ASP A 362 -4.12 3.03 8.14
CA ASP A 362 -3.21 3.74 9.03
C ASP A 362 -3.17 5.25 8.77
N GLU A 363 -3.98 5.75 7.84
CA GLU A 363 -4.06 7.18 7.58
C GLU A 363 -5.43 7.76 7.89
N VAL A 364 -6.41 6.91 8.24
CA VAL A 364 -7.80 7.34 8.25
C VAL A 364 -8.05 8.32 9.40
N VAL A 365 -7.42 8.10 10.55
CA VAL A 365 -7.56 9.02 11.69
C VAL A 365 -6.99 10.39 11.34
N ALA A 366 -5.73 10.42 10.89
CA ALA A 366 -5.07 11.68 10.58
C ALA A 366 -5.83 12.46 9.51
N MET A 367 -6.43 11.76 8.55
CA MET A 367 -7.21 12.43 7.51
C MET A 367 -8.48 13.03 8.08
N GLY A 368 -9.21 12.28 8.90
CA GLY A 368 -10.40 12.84 9.53
C GLY A 368 -10.09 14.00 10.44
N ALA A 369 -8.97 13.91 11.17
CA ALA A 369 -8.57 15.02 12.04
C ALA A 369 -8.27 16.27 11.22
N ALA A 370 -7.60 16.11 10.07
CA ALA A 370 -7.33 17.25 9.21
C ALA A 370 -8.61 17.80 8.60
N ILE A 371 -9.58 16.93 8.32
CA ILE A 371 -10.91 17.38 7.90
C ILE A 371 -11.51 18.29 8.95
N GLN A 372 -11.54 17.81 10.20
CA GLN A 372 -12.03 18.62 11.32
C GLN A 372 -11.30 19.95 11.40
N ALA A 373 -9.98 19.93 11.26
CA ALA A 373 -9.19 21.15 11.36
C ALA A 373 -9.60 22.17 10.31
N GLY A 374 -9.54 21.79 9.03
CA GLY A 374 -9.92 22.70 7.97
C GLY A 374 -11.31 23.28 8.16
N VAL A 375 -12.22 22.49 8.72
CA VAL A 375 -13.59 22.96 8.93
C VAL A 375 -13.63 24.05 10.00
N LEU A 376 -13.00 23.79 11.15
CA LEU A 376 -12.91 24.81 12.19
C LEU A 376 -12.28 26.10 11.66
N MET A 377 -11.49 26.00 10.58
CA MET A 377 -10.85 27.14 9.94
C MET A 377 -11.54 27.58 8.65
N GLY A 378 -12.79 27.18 8.42
CA GLY A 378 -13.48 27.64 7.23
C GLY A 378 -13.29 26.82 5.97
N GLU A 379 -12.10 26.23 5.81
CA GLU A 379 -11.83 25.39 4.65
C GLU A 379 -12.87 24.26 4.57
N VAL A 380 -13.16 23.83 3.34
CA VAL A 380 -14.22 22.86 3.11
C VAL A 380 -13.68 21.52 2.60
N ARG A 381 -14.58 20.62 2.18
CA ARG A 381 -14.31 19.30 1.63
C ARG A 381 -14.84 19.25 0.19
N ASP A 382 -14.72 18.10 -0.46
CA ASP A 382 -15.11 18.04 -1.88
C ASP A 382 -16.49 17.46 -2.13
N MET B 1 -27.91 -14.75 -10.69
CA MET B 1 -27.64 -15.70 -9.63
C MET B 1 -26.17 -15.74 -9.24
N ALA B 2 -25.28 -15.45 -10.20
CA ALA B 2 -23.88 -15.29 -9.91
C ALA B 2 -23.52 -13.81 -9.87
N LYS B 3 -22.32 -13.51 -9.37
CA LYS B 3 -21.84 -12.14 -9.28
C LYS B 3 -20.95 -11.85 -10.49
N ALA B 4 -21.24 -10.76 -11.19
CA ALA B 4 -20.41 -10.32 -12.30
C ALA B 4 -19.22 -9.51 -11.80
N VAL B 5 -18.14 -9.54 -12.56
CA VAL B 5 -16.87 -8.95 -12.14
C VAL B 5 -16.42 -7.92 -13.16
N GLY B 6 -15.47 -7.10 -12.73
CA GLY B 6 -14.77 -6.17 -13.61
C GLY B 6 -13.31 -6.56 -13.70
N ILE B 7 -12.71 -6.36 -14.87
CA ILE B 7 -11.36 -6.84 -15.14
C ILE B 7 -10.56 -5.78 -15.88
N ASP B 8 -9.41 -5.42 -15.33
CA ASP B 8 -8.44 -4.54 -15.99
C ASP B 8 -7.45 -5.44 -16.72
N LEU B 9 -7.53 -5.49 -18.05
CA LEU B 9 -6.57 -6.25 -18.85
C LEU B 9 -5.46 -5.28 -19.25
N GLY B 10 -4.42 -5.20 -18.42
CA GLY B 10 -3.40 -4.20 -18.63
C GLY B 10 -2.19 -4.69 -19.41
N THR B 11 -1.38 -3.74 -19.86
CA THR B 11 -0.21 -4.06 -20.66
C THR B 11 0.82 -4.86 -19.86
N THR B 12 0.98 -4.57 -18.58
CA THR B 12 1.92 -5.27 -17.72
C THR B 12 1.23 -6.17 -16.70
N ASN B 13 0.20 -5.66 -16.02
CA ASN B 13 -0.53 -6.44 -15.04
C ASN B 13 -2.01 -6.41 -15.32
N SER B 14 -2.69 -7.46 -14.89
CA SER B 14 -4.13 -7.55 -14.99
C SER B 14 -4.73 -7.75 -13.61
N VAL B 15 -5.88 -7.13 -13.37
CA VAL B 15 -6.50 -7.04 -12.06
C VAL B 15 -7.97 -7.44 -12.21
N ILE B 16 -8.48 -8.24 -11.27
CA ILE B 16 -9.89 -8.61 -11.26
C ILE B 16 -10.51 -8.15 -9.96
N ALA B 17 -11.77 -7.74 -10.03
CA ALA B 17 -12.47 -7.21 -8.86
C ALA B 17 -13.96 -7.47 -9.01
N VAL B 18 -14.66 -7.44 -7.87
CA VAL B 18 -16.10 -7.66 -7.80
C VAL B 18 -16.68 -6.68 -6.79
N LEU B 19 -18.01 -6.52 -6.83
CA LEU B 19 -18.72 -5.56 -5.98
C LEU B 19 -19.53 -6.33 -4.94
N GLU B 20 -18.91 -6.58 -3.79
CA GLU B 20 -19.52 -7.34 -2.71
C GLU B 20 -20.02 -6.41 -1.62
N GLY B 21 -21.32 -6.51 -1.29
CA GLY B 21 -21.93 -5.66 -0.29
C GLY B 21 -21.79 -4.20 -0.67
N GLY B 22 -22.13 -3.88 -1.91
CA GLY B 22 -21.98 -2.53 -2.43
C GLY B 22 -20.58 -1.99 -2.35
N LYS B 23 -19.61 -2.86 -2.07
CA LYS B 23 -18.23 -2.47 -1.89
C LYS B 23 -17.37 -3.07 -3.01
N PRO B 24 -16.46 -2.30 -3.62
CA PRO B 24 -15.59 -2.84 -4.67
C PRO B 24 -14.39 -3.54 -4.06
N VAL B 25 -14.25 -4.82 -4.35
CA VAL B 25 -13.22 -5.67 -3.73
C VAL B 25 -12.35 -6.24 -4.84
N VAL B 26 -11.05 -5.94 -4.79
CA VAL B 26 -10.10 -6.59 -5.68
C VAL B 26 -9.78 -7.96 -5.11
N LEU B 27 -9.78 -8.98 -5.96
CA LEU B 27 -9.53 -10.34 -5.53
C LEU B 27 -8.10 -10.77 -5.86
N GLU B 28 -7.55 -11.60 -4.99
CA GLU B 28 -6.24 -12.20 -5.21
C GLU B 28 -6.36 -13.42 -6.12
N ASN B 29 -5.25 -13.80 -6.73
CA ASN B 29 -5.20 -14.96 -7.61
C ASN B 29 -4.70 -16.18 -6.82
N ALA B 30 -4.36 -17.25 -7.54
CA ALA B 30 -3.84 -18.44 -6.89
C ALA B 30 -2.54 -18.16 -6.17
N GLU B 31 -1.74 -17.21 -6.66
CA GLU B 31 -0.50 -16.80 -6.02
C GLU B 31 -0.72 -15.76 -4.93
N GLY B 32 -1.96 -15.49 -4.56
CA GLY B 32 -2.24 -14.55 -3.50
C GLY B 32 -1.93 -13.10 -3.80
N GLU B 33 -1.90 -12.73 -5.07
CA GLU B 33 -1.54 -11.38 -5.47
C GLU B 33 -2.76 -10.69 -6.09
N ARG B 34 -2.86 -9.39 -5.86
CA ARG B 34 -3.96 -8.61 -6.40
C ARG B 34 -3.71 -8.11 -7.81
N VAL B 35 -2.52 -8.35 -8.35
CA VAL B 35 -2.21 -8.10 -9.75
C VAL B 35 -1.63 -9.39 -10.32
N THR B 36 -2.04 -9.72 -11.55
CA THR B 36 -1.51 -10.87 -12.26
C THR B 36 -0.73 -10.37 -13.47
N PRO B 37 0.56 -10.64 -13.55
CA PRO B 37 1.34 -10.17 -14.70
C PRO B 37 0.72 -10.64 -16.01
N SER B 38 0.63 -9.72 -16.98
CA SER B 38 0.07 -10.03 -18.29
C SER B 38 1.13 -10.71 -19.18
N VAL B 39 1.59 -11.86 -18.71
CA VAL B 39 2.64 -12.63 -19.38
C VAL B 39 2.19 -14.07 -19.49
N VAL B 40 2.47 -14.69 -20.63
CA VAL B 40 2.23 -16.11 -20.86
C VAL B 40 3.52 -16.74 -21.37
N ALA B 41 3.84 -17.93 -20.86
CA ALA B 41 5.07 -18.62 -21.22
C ALA B 41 4.77 -20.10 -21.48
N PHE B 42 5.32 -20.62 -22.57
CA PHE B 42 5.22 -22.04 -22.90
C PHE B 42 6.58 -22.67 -22.65
N ARG B 43 6.62 -23.65 -21.75
CA ARG B 43 7.87 -24.34 -21.43
C ARG B 43 7.80 -25.81 -21.77
N GLU B 46 4.44 -27.90 -20.48
CA GLU B 46 3.59 -27.05 -19.65
C GLU B 46 3.47 -25.65 -20.23
N THR B 47 2.40 -24.94 -19.85
CA THR B 47 2.21 -23.55 -20.20
C THR B 47 2.04 -22.74 -18.93
N LEU B 48 2.69 -21.57 -18.87
CA LEU B 48 2.73 -20.73 -17.68
C LEU B 48 2.02 -19.40 -17.95
N VAL B 49 1.25 -18.94 -16.98
CA VAL B 49 0.41 -17.73 -17.13
C VAL B 49 0.44 -16.98 -15.80
N GLY B 50 1.08 -15.81 -15.79
CA GLY B 50 1.07 -14.97 -14.61
C GLY B 50 2.44 -14.75 -14.00
N ARG B 51 2.54 -14.92 -12.68
CA ARG B 51 3.80 -14.68 -11.99
C ARG B 51 4.86 -15.69 -12.41
N MET B 52 4.50 -16.97 -12.48
CA MET B 52 5.44 -18.00 -12.90
C MET B 52 5.97 -17.71 -14.30
N ALA B 53 5.11 -17.23 -15.20
CA ALA B 53 5.56 -16.87 -16.53
C ALA B 53 6.46 -15.64 -16.50
N LYS B 54 6.24 -14.72 -15.56
CA LYS B 54 7.08 -13.54 -15.48
C LYS B 54 8.43 -13.84 -14.84
N ARG B 55 8.44 -14.77 -13.87
CA ARG B 55 9.65 -15.12 -13.14
C ARG B 55 10.70 -15.82 -13.99
N GLN B 56 10.35 -16.30 -15.19
CA GLN B 56 11.30 -16.95 -16.08
C GLN B 56 11.34 -16.27 -17.45
N ALA B 57 10.98 -14.98 -17.50
CA ALA B 57 10.89 -14.29 -18.78
C ALA B 57 12.25 -13.99 -19.38
N VAL B 58 13.26 -13.75 -18.54
CA VAL B 58 14.61 -13.55 -19.07
C VAL B 58 15.23 -14.88 -19.49
N LEU B 59 14.87 -15.98 -18.80
CA LEU B 59 15.45 -17.27 -19.11
C LEU B 59 14.89 -17.83 -20.41
N ASN B 60 13.62 -17.54 -20.71
CA ASN B 60 12.91 -18.10 -21.85
C ASN B 60 12.51 -16.96 -22.78
N PRO B 61 13.48 -16.31 -23.43
CA PRO B 61 13.16 -15.08 -24.17
C PRO B 61 12.25 -15.29 -25.36
N GLU B 62 12.18 -16.48 -25.94
CA GLU B 62 11.37 -16.68 -27.12
C GLU B 62 10.10 -17.48 -26.87
N GLY B 63 10.00 -18.17 -25.75
CA GLY B 63 8.75 -18.80 -25.34
C GLY B 63 7.94 -17.98 -24.37
N THR B 64 8.32 -16.75 -24.09
CA THR B 64 7.60 -15.88 -23.16
C THR B 64 7.00 -14.70 -23.92
N ILE B 65 5.68 -14.59 -23.89
CA ILE B 65 4.96 -13.52 -24.57
C ILE B 65 4.54 -12.49 -23.54
N PHE B 66 4.93 -11.24 -23.75
CA PHE B 66 4.65 -10.17 -22.79
C PHE B 66 4.28 -8.90 -23.54
N GLU B 67 3.43 -8.09 -22.91
CA GLU B 67 2.94 -6.83 -23.48
C GLU B 67 2.16 -7.06 -24.76
N ILE B 68 1.39 -8.17 -24.82
CA ILE B 68 0.62 -8.50 -26.01
C ILE B 68 -0.40 -7.42 -26.35
N LYS B 69 -0.72 -6.54 -25.39
CA LYS B 69 -1.67 -5.45 -25.64
C LYS B 69 -1.19 -4.48 -26.70
N ARG B 70 0.11 -4.45 -27.04
CA ARG B 70 0.57 -3.58 -28.11
C ARG B 70 0.11 -4.04 -29.48
N PHE B 71 -0.21 -5.32 -29.64
CA PHE B 71 -0.56 -5.88 -30.93
C PHE B 71 -2.04 -6.24 -31.08
N ILE B 72 -2.79 -6.32 -29.98
CA ILE B 72 -4.17 -6.76 -30.05
C ILE B 72 -4.97 -5.81 -30.95
N GLY B 73 -5.89 -6.39 -31.70
CA GLY B 73 -6.81 -5.61 -32.53
C GLY B 73 -6.14 -4.86 -33.67
N ARG B 74 -4.84 -5.05 -33.85
CA ARG B 74 -4.10 -4.29 -34.85
C ARG B 74 -3.61 -5.19 -35.97
N ARG B 75 -3.31 -4.55 -37.10
CA ARG B 75 -2.80 -5.24 -38.28
C ARG B 75 -1.28 -5.25 -38.26
N PHE B 76 -0.69 -6.25 -38.92
CA PHE B 76 0.75 -6.42 -38.87
C PHE B 76 1.47 -5.25 -39.52
N GLU B 77 0.95 -4.77 -40.64
CA GLU B 77 1.60 -3.69 -41.39
C GLU B 77 1.70 -2.40 -40.59
N GLU B 78 1.02 -2.30 -39.44
CA GLU B 78 1.05 -1.10 -38.62
C GLU B 78 1.84 -1.26 -37.32
N VAL B 79 2.18 -2.48 -36.92
CA VAL B 79 2.96 -2.70 -35.71
C VAL B 79 4.28 -3.38 -36.06
N GLN B 80 4.74 -3.16 -37.30
CA GLN B 80 5.96 -3.82 -37.75
C GLN B 80 7.16 -3.39 -36.92
N GLU B 81 7.31 -2.08 -36.70
CA GLU B 81 8.45 -1.61 -35.92
C GLU B 81 8.34 -2.03 -34.46
N GLU B 82 7.12 -2.18 -33.93
CA GLU B 82 6.96 -2.69 -32.58
C GLU B 82 7.26 -4.17 -32.50
N ALA B 83 7.18 -4.90 -33.61
CA ALA B 83 7.55 -6.31 -33.61
C ALA B 83 9.06 -6.49 -33.49
N LYS B 84 9.83 -5.56 -34.05
CA LYS B 84 11.28 -5.63 -33.99
C LYS B 84 11.82 -5.33 -32.59
N ARG B 85 10.99 -4.85 -31.68
CA ARG B 85 11.43 -4.47 -30.34
C ARG B 85 11.16 -5.53 -29.29
N VAL B 86 10.76 -6.73 -29.68
CA VAL B 86 10.41 -7.77 -28.72
C VAL B 86 11.24 -9.03 -28.97
N PRO B 87 11.51 -9.84 -27.93
CA PRO B 87 12.37 -11.01 -28.13
C PRO B 87 11.65 -12.21 -28.75
N TYR B 88 10.33 -12.26 -28.68
CA TYR B 88 9.57 -13.38 -29.20
C TYR B 88 9.13 -13.10 -30.64
N LYS B 89 8.79 -14.17 -31.35
CA LYS B 89 8.51 -14.06 -32.78
C LYS B 89 7.12 -13.48 -33.03
N VAL B 90 7.04 -12.52 -33.93
CA VAL B 90 5.80 -11.86 -34.33
C VAL B 90 5.74 -11.89 -35.85
N VAL B 91 4.79 -12.66 -36.39
CA VAL B 91 4.68 -12.89 -37.82
C VAL B 91 3.28 -12.52 -38.28
N PRO B 92 3.09 -12.12 -39.53
CA PRO B 92 1.72 -11.84 -40.00
C PRO B 92 0.99 -13.12 -40.37
N GLY B 93 -0.30 -13.15 -40.06
CA GLY B 93 -1.12 -14.29 -40.38
C GLY B 93 -1.57 -14.28 -41.83
N PRO B 94 -2.34 -15.29 -42.22
CA PRO B 94 -2.90 -15.30 -43.57
C PRO B 94 -3.68 -14.04 -43.90
N ASP B 95 -4.32 -13.44 -42.90
CA ASP B 95 -4.94 -12.13 -43.00
C ASP B 95 -3.95 -11.07 -42.52
N GLY B 96 -4.34 -9.80 -42.62
CA GLY B 96 -3.45 -8.72 -42.21
C GLY B 96 -3.16 -8.72 -40.71
N GLY B 97 -3.66 -9.72 -40.00
CA GLY B 97 -3.58 -9.75 -38.56
C GLY B 97 -2.18 -10.00 -38.04
N VAL B 98 -2.13 -10.27 -36.74
CA VAL B 98 -0.88 -10.41 -36.00
C VAL B 98 -0.89 -11.76 -35.28
N ARG B 99 0.19 -12.53 -35.47
CA ARG B 99 0.40 -13.81 -34.79
C ARG B 99 1.72 -13.76 -34.04
N VAL B 100 1.84 -14.57 -33.00
CA VAL B 100 3.12 -14.79 -32.31
C VAL B 100 3.48 -16.26 -32.45
N GLU B 101 4.64 -16.53 -33.03
CA GLU B 101 5.10 -17.89 -33.30
C GLU B 101 6.07 -18.34 -32.22
N VAL B 102 5.73 -19.43 -31.52
CA VAL B 102 6.61 -20.02 -30.51
C VAL B 102 6.78 -21.49 -30.86
N LYS B 103 7.99 -21.87 -31.24
CA LYS B 103 8.32 -23.23 -31.66
C LYS B 103 7.36 -23.72 -32.75
N GLY B 104 7.18 -22.88 -33.77
CA GLY B 104 6.33 -23.24 -34.89
C GLY B 104 4.85 -23.09 -34.61
N LYS B 105 4.46 -23.04 -33.35
CA LYS B 105 3.05 -22.93 -33.01
C LYS B 105 2.60 -21.48 -33.07
N LEU B 106 1.46 -21.25 -33.70
CA LEU B 106 0.92 -19.90 -33.89
C LEU B 106 -0.16 -19.60 -32.85
N TYR B 107 -0.18 -18.35 -32.39
CA TYR B 107 -1.20 -17.85 -31.49
C TYR B 107 -1.58 -16.44 -31.91
N THR B 108 -2.71 -15.95 -31.40
CA THR B 108 -3.17 -14.61 -31.69
C THR B 108 -3.17 -13.77 -30.42
N PRO B 109 -3.10 -12.44 -30.56
CA PRO B 109 -3.23 -11.59 -29.37
C PRO B 109 -4.48 -11.88 -28.54
N GLU B 110 -5.57 -12.23 -29.21
CA GLU B 110 -6.80 -12.58 -28.49
C GLU B 110 -6.60 -13.85 -27.66
N GLU B 111 -6.02 -14.88 -28.28
CA GLU B 111 -5.78 -16.13 -27.56
C GLU B 111 -4.81 -15.94 -26.41
N ILE B 112 -3.78 -15.13 -26.60
CA ILE B 112 -2.85 -14.86 -25.51
C ILE B 112 -3.56 -14.11 -24.38
N SER B 113 -4.31 -13.07 -24.72
CA SER B 113 -5.08 -12.34 -23.72
C SER B 113 -6.07 -13.25 -23.02
N ALA B 114 -6.80 -14.06 -23.80
CA ALA B 114 -7.78 -14.98 -23.24
C ALA B 114 -7.21 -15.87 -22.15
N MET B 115 -5.91 -16.21 -22.25
CA MET B 115 -5.30 -17.05 -21.23
C MET B 115 -5.10 -16.30 -19.92
N ILE B 116 -4.68 -15.03 -20.00
CA ILE B 116 -4.59 -14.21 -18.80
C ILE B 116 -5.94 -14.11 -18.12
N LEU B 117 -7.00 -13.90 -18.91
CA LEU B 117 -8.33 -13.75 -18.35
C LEU B 117 -8.82 -15.04 -17.69
N ARG B 118 -8.51 -16.19 -18.28
CA ARG B 118 -9.05 -17.44 -17.76
C ARG B 118 -8.53 -17.73 -16.35
N LYS B 119 -7.26 -17.42 -16.09
CA LYS B 119 -6.72 -17.63 -14.74
C LYS B 119 -7.40 -16.72 -13.74
N LEU B 120 -7.64 -15.46 -14.12
CA LEU B 120 -8.30 -14.51 -13.22
C LEU B 120 -9.67 -15.04 -12.80
N VAL B 121 -10.48 -15.46 -13.77
CA VAL B 121 -11.83 -15.94 -13.45
C VAL B 121 -11.76 -17.24 -12.66
N GLU B 122 -10.85 -18.15 -13.03
CA GLU B 122 -10.73 -19.43 -12.34
C GLU B 122 -10.37 -19.23 -10.87
N ASP B 123 -9.29 -18.48 -10.61
CA ASP B 123 -8.84 -18.29 -9.24
C ASP B 123 -9.83 -17.46 -8.44
N ALA B 124 -10.47 -16.48 -9.08
CA ALA B 124 -11.44 -15.65 -8.36
C ALA B 124 -12.71 -16.43 -8.04
N SER B 125 -13.16 -17.28 -8.97
CA SER B 125 -14.33 -18.11 -8.73
C SER B 125 -14.18 -18.94 -7.45
N LYS B 126 -12.94 -19.19 -7.03
CA LYS B 126 -12.71 -19.98 -5.84
C LYS B 126 -12.71 -19.15 -4.56
N LYS B 127 -12.46 -17.84 -4.65
CA LYS B 127 -12.68 -17.00 -3.47
C LYS B 127 -14.17 -16.77 -3.24
N LEU B 128 -14.93 -16.61 -4.32
CA LEU B 128 -16.36 -16.33 -4.19
C LEU B 128 -17.19 -17.58 -3.96
N GLY B 129 -16.69 -18.74 -4.38
CA GLY B 129 -17.44 -19.98 -4.28
C GLY B 129 -18.39 -20.26 -5.43
N GLU B 130 -18.31 -19.50 -6.53
CA GLU B 130 -19.16 -19.72 -7.68
C GLU B 130 -18.43 -19.25 -8.93
N LYS B 131 -18.76 -19.88 -10.06
CA LYS B 131 -18.05 -19.63 -11.30
C LYS B 131 -18.55 -18.33 -11.92
N ILE B 132 -17.62 -17.41 -12.17
CA ILE B 132 -17.93 -16.14 -12.80
C ILE B 132 -18.19 -16.36 -14.28
N THR B 133 -19.30 -15.84 -14.78
CA THR B 133 -19.65 -15.96 -16.20
C THR B 133 -19.76 -14.63 -16.93
N LYS B 134 -19.95 -13.52 -16.23
CA LYS B 134 -20.16 -12.21 -16.85
C LYS B 134 -19.11 -11.25 -16.36
N ALA B 135 -18.64 -10.38 -17.25
CA ALA B 135 -17.61 -9.41 -16.86
C ALA B 135 -17.74 -8.14 -17.67
N VAL B 136 -17.12 -7.08 -17.14
CA VAL B 136 -16.89 -5.82 -17.82
C VAL B 136 -15.39 -5.63 -17.92
N ILE B 137 -14.87 -5.52 -19.14
CA ILE B 137 -13.44 -5.40 -19.39
C ILE B 137 -13.15 -3.99 -19.88
N THR B 138 -12.03 -3.42 -19.43
CA THR B 138 -11.67 -2.05 -19.78
C THR B 138 -10.63 -2.02 -20.88
N VAL B 139 -10.60 -0.90 -21.61
CA VAL B 139 -9.61 -0.67 -22.67
C VAL B 139 -9.20 0.79 -22.68
N PRO B 140 -7.99 1.06 -23.18
CA PRO B 140 -7.57 2.46 -23.34
C PRO B 140 -8.57 3.27 -24.14
N ALA B 141 -8.69 4.56 -23.79
CA ALA B 141 -9.65 5.43 -24.46
C ALA B 141 -9.38 5.53 -25.96
N TYR B 142 -8.12 5.35 -26.37
CA TYR B 142 -7.75 5.48 -27.78
C TYR B 142 -7.98 4.21 -28.60
N PHE B 143 -8.49 3.15 -27.99
CA PHE B 143 -8.75 1.93 -28.75
C PHE B 143 -9.86 2.16 -29.78
N ASN B 144 -9.70 1.55 -30.95
CA ASN B 144 -10.73 1.60 -31.97
C ASN B 144 -11.69 0.43 -31.79
N ASN B 145 -12.74 0.39 -32.61
CA ASN B 145 -13.71 -0.69 -32.50
C ASN B 145 -13.06 -2.05 -32.76
N ALA B 146 -12.12 -2.11 -33.73
CA ALA B 146 -11.40 -3.36 -33.97
C ALA B 146 -10.72 -3.85 -32.70
N GLN B 147 -10.01 -2.95 -32.00
CA GLN B 147 -9.34 -3.32 -30.77
C GLN B 147 -10.31 -3.58 -29.62
N ARG B 148 -11.45 -2.89 -29.62
CA ARG B 148 -12.49 -3.18 -28.63
C ARG B 148 -13.16 -4.50 -28.96
N GLU B 149 -13.33 -4.80 -30.24
CA GLU B 149 -13.88 -6.08 -30.64
C GLU B 149 -12.97 -7.21 -30.18
N ALA B 150 -11.68 -7.05 -30.38
CA ALA B 150 -10.72 -8.11 -30.04
C ALA B 150 -10.72 -8.38 -28.55
N THR B 151 -10.74 -7.33 -27.73
CA THR B 151 -10.73 -7.52 -26.28
C THR B 151 -11.96 -8.28 -25.83
N ALA B 152 -13.13 -7.95 -26.37
CA ALA B 152 -14.35 -8.70 -26.05
C ALA B 152 -14.23 -10.15 -26.52
N ASN B 153 -13.59 -10.38 -27.67
CA ASN B 153 -13.40 -11.75 -28.14
C ASN B 153 -12.52 -12.54 -27.18
N ALA B 154 -11.43 -11.93 -26.69
CA ALA B 154 -10.57 -12.60 -25.73
C ALA B 154 -11.33 -12.99 -24.47
N GLY B 155 -12.34 -12.20 -24.09
CA GLY B 155 -13.16 -12.56 -22.96
C GLY B 155 -14.09 -13.72 -23.26
N ARG B 156 -14.61 -13.78 -24.50
CA ARG B 156 -15.49 -14.88 -24.87
C ARG B 156 -14.72 -16.19 -24.99
N ILE B 157 -13.50 -16.13 -25.54
CA ILE B 157 -12.64 -17.31 -25.54
C ILE B 157 -12.45 -17.81 -24.12
N ALA B 158 -12.12 -16.90 -23.21
CA ALA B 158 -11.95 -17.22 -21.80
C ALA B 158 -13.20 -17.82 -21.17
N GLY B 159 -14.35 -17.74 -21.83
CA GLY B 159 -15.59 -18.25 -21.30
C GLY B 159 -16.46 -17.22 -20.60
N LEU B 160 -16.29 -15.94 -20.91
CA LEU B 160 -17.01 -14.86 -20.26
C LEU B 160 -18.05 -14.28 -21.19
N GLU B 161 -19.16 -13.82 -20.60
CA GLU B 161 -20.10 -12.93 -21.27
C GLU B 161 -19.63 -11.50 -21.03
N VAL B 162 -19.24 -10.82 -22.10
CA VAL B 162 -18.76 -9.44 -21.99
C VAL B 162 -19.97 -8.53 -21.95
N LEU B 163 -20.27 -7.99 -20.77
CA LEU B 163 -21.41 -7.09 -20.63
C LEU B 163 -21.16 -5.75 -21.32
N ARG B 164 -19.90 -5.31 -21.33
CA ARG B 164 -19.53 -4.02 -21.92
C ARG B 164 -18.02 -3.83 -21.91
N ILE B 165 -17.52 -3.03 -22.85
CA ILE B 165 -16.12 -2.65 -22.93
C ILE B 165 -16.06 -1.15 -22.69
N ILE B 166 -15.57 -0.74 -21.51
CA ILE B 166 -15.55 0.66 -21.14
C ILE B 166 -14.11 1.15 -21.05
N ASN B 167 -13.96 2.47 -21.12
CA ASN B 167 -12.65 3.08 -21.05
C ASN B 167 -12.07 3.03 -19.64
N GLU B 168 -10.80 2.67 -19.56
CA GLU B 168 -10.06 2.73 -18.30
C GLU B 168 -10.19 4.09 -17.60
N PRO B 169 -10.01 5.23 -18.27
CA PRO B 169 -10.20 6.51 -17.57
C PRO B 169 -11.61 6.72 -17.04
N THR B 170 -12.61 6.07 -17.62
CA THR B 170 -13.95 6.19 -17.07
C THR B 170 -14.11 5.34 -15.81
N ALA B 171 -13.61 4.10 -15.84
CA ALA B 171 -13.71 3.25 -14.65
C ALA B 171 -12.93 3.82 -13.48
N ALA B 172 -11.87 4.59 -13.74
CA ALA B 172 -11.17 5.25 -12.65
C ALA B 172 -12.05 6.32 -12.01
N ALA B 173 -12.66 7.17 -12.83
CA ALA B 173 -13.56 8.20 -12.30
C ALA B 173 -14.74 7.59 -11.56
N LEU B 174 -15.17 6.39 -11.96
CA LEU B 174 -16.22 5.69 -11.25
C LEU B 174 -15.77 5.32 -9.84
N ALA B 175 -14.60 4.69 -9.73
CA ALA B 175 -14.08 4.33 -8.41
C ALA B 175 -13.90 5.56 -7.53
N TYR B 176 -13.50 6.68 -8.11
CA TYR B 176 -13.35 7.92 -7.36
C TYR B 176 -14.65 8.69 -7.20
N GLY B 177 -15.77 8.19 -7.73
CA GLY B 177 -17.06 8.83 -7.53
C GLY B 177 -17.22 10.17 -8.23
N LEU B 178 -16.43 10.43 -9.26
CA LEU B 178 -16.53 11.71 -9.96
C LEU B 178 -17.88 11.88 -10.66
N ASP B 179 -18.56 10.77 -10.96
CA ASP B 179 -19.89 10.84 -11.57
C ASP B 179 -20.93 11.47 -10.65
N LYS B 180 -20.63 11.63 -9.37
CA LYS B 180 -21.57 12.19 -8.40
C LYS B 180 -21.22 13.61 -8.00
N LYS B 181 -20.44 14.30 -8.83
CA LYS B 181 -19.98 15.65 -8.55
C LYS B 181 -20.33 16.59 -9.70
N GLY B 182 -21.54 16.45 -10.23
CA GLY B 182 -21.99 17.32 -11.31
C GLY B 182 -21.02 17.30 -12.47
N ASN B 183 -20.55 18.49 -12.86
CA ASN B 183 -19.57 18.62 -13.93
C ASN B 183 -18.18 18.80 -13.34
N GLU B 184 -17.29 17.86 -13.68
CA GLU B 184 -15.89 17.87 -13.26
C GLU B 184 -15.00 17.71 -14.48
N THR B 185 -14.01 18.58 -14.62
CA THR B 185 -12.96 18.39 -15.63
C THR B 185 -11.81 17.67 -14.95
N VAL B 186 -11.46 16.49 -15.47
CA VAL B 186 -10.56 15.57 -14.79
C VAL B 186 -9.41 15.22 -15.73
N LEU B 187 -8.18 15.42 -15.27
CA LEU B 187 -7.01 14.90 -15.95
C LEU B 187 -6.63 13.59 -15.29
N VAL B 188 -6.63 12.51 -16.07
CA VAL B 188 -6.27 11.17 -15.58
C VAL B 188 -4.81 10.93 -15.94
N PHE B 189 -3.96 10.89 -14.93
CA PHE B 189 -2.52 10.66 -15.06
C PHE B 189 -2.28 9.17 -14.89
N ASP B 190 -2.13 8.44 -16.00
CA ASP B 190 -1.96 6.98 -15.96
C ASP B 190 -0.55 6.59 -16.38
N LEU B 191 0.22 6.11 -15.41
CA LEU B 191 1.57 5.60 -15.64
C LEU B 191 1.65 4.18 -15.08
N GLY B 192 1.80 3.19 -15.95
CA GLY B 192 1.82 1.81 -15.52
C GLY B 192 3.16 1.14 -15.68
N GLY B 193 3.15 -0.16 -16.01
CA GLY B 193 4.40 -0.87 -16.18
C GLY B 193 5.19 -0.37 -17.37
N GLY B 194 4.51 -0.08 -18.48
CA GLY B 194 5.24 0.25 -19.69
C GLY B 194 4.62 1.32 -20.57
N THR B 195 3.49 1.88 -20.19
CA THR B 195 2.87 2.94 -20.97
C THR B 195 2.54 4.13 -20.09
N PHE B 196 2.52 5.31 -20.70
CA PHE B 196 2.13 6.55 -20.07
C PHE B 196 0.94 7.08 -20.82
N ASP B 197 -0.14 7.41 -20.11
CA ASP B 197 -1.38 7.82 -20.75
C ASP B 197 -2.00 8.98 -20.00
N VAL B 198 -2.31 10.04 -20.74
CA VAL B 198 -2.93 11.25 -20.21
C VAL B 198 -4.29 11.40 -20.87
N THR B 199 -5.34 11.50 -20.05
CA THR B 199 -6.70 11.66 -20.57
C THR B 199 -7.39 12.82 -19.86
N ILE B 200 -7.97 13.71 -20.64
CA ILE B 200 -8.76 14.81 -20.13
C ILE B 200 -10.22 14.48 -20.34
N LEU B 201 -10.99 14.51 -19.26
CA LEU B 201 -12.42 14.21 -19.28
C LEU B 201 -13.22 15.41 -18.80
N GLU B 202 -14.41 15.57 -19.36
CA GLU B 202 -15.43 16.45 -18.83
C GLU B 202 -16.61 15.57 -18.43
N ILE B 203 -16.70 15.23 -17.15
CA ILE B 203 -17.79 14.41 -16.64
C ILE B 203 -18.99 15.32 -16.40
N GLY B 204 -20.07 15.10 -17.15
CA GLY B 204 -21.25 15.90 -16.98
C GLY B 204 -22.26 15.63 -18.08
N GLU B 205 -23.43 16.24 -17.92
CA GLU B 205 -24.52 16.13 -18.89
C GLU B 205 -24.85 14.67 -19.22
N GLY B 206 -24.50 13.75 -18.33
CA GLY B 206 -24.78 12.34 -18.52
C GLY B 206 -23.64 11.52 -19.09
N VAL B 207 -22.55 12.15 -19.53
CA VAL B 207 -21.52 11.47 -20.31
C VAL B 207 -20.13 11.75 -19.73
N PHE B 208 -19.17 10.93 -20.15
CA PHE B 208 -17.75 11.11 -19.87
C PHE B 208 -17.09 11.58 -21.17
N GLU B 209 -17.10 12.90 -21.39
CA GLU B 209 -16.64 13.47 -22.65
C GLU B 209 -15.12 13.53 -22.68
N VAL B 210 -14.51 12.75 -23.58
CA VAL B 210 -13.06 12.74 -23.73
C VAL B 210 -12.65 13.96 -24.55
N LYS B 211 -11.96 14.90 -23.91
CA LYS B 211 -11.49 16.11 -24.58
C LYS B 211 -10.12 15.95 -25.22
N ALA B 212 -9.25 15.11 -24.65
CA ALA B 212 -7.89 15.00 -25.15
C ALA B 212 -7.26 13.71 -24.64
N THR B 213 -6.45 13.07 -25.50
CA THR B 213 -5.66 11.90 -25.13
C THR B 213 -4.22 12.08 -25.57
N SER B 214 -3.30 11.69 -24.69
CA SER B 214 -1.88 11.85 -24.92
C SER B 214 -1.14 10.72 -24.22
N GLY B 215 0.17 10.64 -24.44
CA GLY B 215 0.99 9.75 -23.66
C GLY B 215 2.24 9.30 -24.38
N ASP B 216 2.91 8.36 -23.71
CA ASP B 216 4.19 7.79 -24.15
C ASP B 216 4.02 6.28 -24.14
N THR B 217 4.23 5.64 -25.29
CA THR B 217 4.01 4.20 -25.39
C THR B 217 5.13 3.39 -24.75
N HIS B 218 6.28 4.01 -24.45
CA HIS B 218 7.44 3.32 -23.90
C HIS B 218 8.00 4.11 -22.72
N LEU B 219 7.12 4.44 -21.79
CA LEU B 219 7.48 5.10 -20.53
C LEU B 219 6.63 4.48 -19.43
N GLY B 220 7.28 3.83 -18.48
CA GLY B 220 6.52 3.14 -17.45
C GLY B 220 7.40 2.69 -16.31
N GLY B 221 6.78 1.96 -15.40
CA GLY B 221 7.49 1.46 -14.23
C GLY B 221 8.61 0.50 -14.58
N SER B 222 8.47 -0.24 -15.68
CA SER B 222 9.51 -1.18 -16.06
C SER B 222 10.80 -0.45 -16.46
N ASP B 223 10.68 0.74 -17.02
CA ASP B 223 11.87 1.50 -17.39
C ASP B 223 12.65 1.93 -16.16
N MET B 224 11.94 2.32 -15.09
CA MET B 224 12.61 2.56 -13.81
C MET B 224 13.31 1.30 -13.32
N ASP B 225 12.72 0.13 -13.58
CA ASP B 225 13.35 -1.12 -13.20
C ASP B 225 14.67 -1.32 -13.95
N HIS B 226 14.66 -1.09 -15.26
CA HIS B 226 15.86 -1.28 -16.05
C HIS B 226 16.93 -0.26 -15.66
N ALA B 227 16.53 0.95 -15.24
CA ALA B 227 17.50 1.94 -14.78
C ALA B 227 18.22 1.47 -13.52
N ILE B 228 17.52 0.74 -12.65
CA ILE B 228 18.16 0.17 -11.47
C ILE B 228 19.01 -1.04 -11.85
N VAL B 229 18.52 -1.85 -12.81
CA VAL B 229 19.28 -3.01 -13.26
C VAL B 229 20.61 -2.58 -13.87
N ASN B 230 20.56 -1.62 -14.80
CA ASN B 230 21.78 -1.18 -15.47
C ASN B 230 22.79 -0.61 -14.48
N TRP B 231 22.32 0.09 -13.44
CA TRP B 231 23.22 0.62 -12.44
C TRP B 231 23.90 -0.50 -11.66
N LEU B 232 23.11 -1.48 -11.18
CA LEU B 232 23.70 -2.61 -10.48
C LEU B 232 24.68 -3.37 -11.36
N ALA B 233 24.34 -3.54 -12.64
CA ALA B 233 25.21 -4.27 -13.54
C ALA B 233 26.53 -3.57 -13.76
N GLU B 234 26.50 -2.24 -13.90
CA GLU B 234 27.74 -1.49 -14.11
C GLU B 234 28.59 -1.45 -12.84
N GLU B 235 27.95 -1.27 -11.69
CA GLU B 235 28.69 -1.24 -10.43
C GLU B 235 29.34 -2.60 -10.14
N PHE B 236 28.71 -3.69 -10.58
CA PHE B 236 29.30 -5.01 -10.42
C PHE B 236 30.42 -5.23 -11.43
N LYS B 237 30.20 -4.80 -12.68
CA LYS B 237 31.29 -4.69 -13.65
C LYS B 237 32.47 -3.95 -13.03
N LYS B 238 32.20 -2.83 -12.37
CA LYS B 238 33.27 -1.97 -11.86
C LYS B 238 34.00 -2.59 -10.67
N GLU B 239 33.30 -3.38 -9.85
CA GLU B 239 33.85 -3.91 -8.61
C GLU B 239 34.32 -5.36 -8.69
N HIS B 240 33.88 -6.13 -9.70
CA HIS B 240 34.27 -7.53 -9.80
C HIS B 240 34.60 -8.01 -11.20
N GLY B 241 34.53 -7.16 -12.23
CA GLY B 241 34.84 -7.59 -13.57
C GLY B 241 33.99 -8.75 -14.08
N VAL B 242 32.73 -8.81 -13.67
CA VAL B 242 31.77 -9.78 -14.18
C VAL B 242 30.60 -9.00 -14.74
N ASP B 243 30.14 -9.38 -15.94
CA ASP B 243 29.04 -8.71 -16.61
C ASP B 243 27.80 -9.55 -16.41
N LEU B 244 27.03 -9.22 -15.36
CA LEU B 244 25.85 -9.99 -15.01
C LEU B 244 24.79 -9.94 -16.10
N LYS B 245 24.73 -8.85 -16.86
CA LYS B 245 23.76 -8.76 -17.93
C LYS B 245 24.02 -9.76 -19.05
N ALA B 246 25.18 -10.42 -19.06
CA ALA B 246 25.46 -11.46 -20.03
C ALA B 246 25.03 -12.84 -19.54
N ASP B 247 24.52 -12.95 -18.33
CA ASP B 247 24.03 -14.21 -17.76
C ASP B 247 22.52 -14.10 -17.58
N ARG B 248 21.77 -14.93 -18.31
CA ARG B 248 20.32 -14.91 -18.19
C ARG B 248 19.87 -15.25 -16.77
N GLN B 249 20.66 -16.07 -16.05
CA GLN B 249 20.27 -16.43 -14.69
C GLN B 249 20.47 -15.28 -13.72
N ALA B 250 21.56 -14.52 -13.88
CA ALA B 250 21.77 -13.36 -13.01
C ALA B 250 20.87 -12.20 -13.39
N LEU B 251 20.75 -11.94 -14.69
CA LEU B 251 19.86 -10.89 -15.18
C LEU B 251 18.43 -11.11 -14.70
N GLN B 252 17.97 -12.36 -14.69
CA GLN B 252 16.62 -12.66 -14.17
C GLN B 252 16.50 -12.27 -12.70
N ARG B 253 17.53 -12.56 -11.90
CA ARG B 253 17.50 -12.21 -10.49
C ARG B 253 17.58 -10.70 -10.29
N LEU B 254 18.43 -10.02 -11.07
CA LEU B 254 18.52 -8.56 -10.98
C LEU B 254 17.18 -7.91 -11.26
N ILE B 255 16.54 -8.28 -12.37
CA ILE B 255 15.24 -7.73 -12.72
C ILE B 255 14.26 -7.91 -11.57
N GLU B 256 14.20 -9.12 -11.03
CA GLU B 256 13.31 -9.40 -9.90
C GLU B 256 13.63 -8.53 -8.71
N ALA B 257 14.92 -8.33 -8.42
CA ALA B 257 15.29 -7.57 -7.23
C ALA B 257 15.15 -6.07 -7.44
N ALA B 258 15.43 -5.58 -8.65
CA ALA B 258 15.32 -4.14 -8.92
C ALA B 258 13.90 -3.64 -8.67
N GLU B 259 12.90 -4.39 -9.15
CA GLU B 259 11.51 -3.98 -8.94
C GLU B 259 11.18 -3.92 -7.45
N LYS B 260 11.66 -4.89 -6.67
CA LYS B 260 11.34 -4.89 -5.25
C LYS B 260 11.96 -3.70 -4.53
N ALA B 261 13.22 -3.38 -4.85
CA ALA B 261 13.84 -2.20 -4.27
C ALA B 261 13.06 -0.95 -4.60
N LYS B 262 12.54 -0.86 -5.84
CA LYS B 262 11.75 0.30 -6.24
C LYS B 262 10.52 0.45 -5.37
N ILE B 263 9.75 -0.63 -5.21
CA ILE B 263 8.51 -0.57 -4.44
C ILE B 263 8.80 -0.14 -3.01
N GLU B 264 9.92 -0.60 -2.45
CA GLU B 264 10.28 -0.20 -1.09
C GLU B 264 10.67 1.28 -1.03
N LEU B 265 11.36 1.79 -2.05
CA LEU B 265 11.73 3.20 -2.07
C LEU B 265 10.56 4.13 -2.39
N SER B 266 9.34 3.59 -2.55
CA SER B 266 8.14 4.42 -2.57
C SER B 266 7.71 4.86 -1.18
N SER B 267 8.08 4.11 -0.15
CA SER B 267 7.68 4.43 1.22
C SER B 267 8.87 4.59 2.16
N THR B 268 10.09 4.67 1.65
CA THR B 268 11.25 4.82 2.52
C THR B 268 12.40 5.42 1.73
N LEU B 269 13.36 6.00 2.46
CA LEU B 269 14.45 6.71 1.81
C LEU B 269 15.60 5.81 1.36
N GLU B 270 15.62 4.54 1.77
CA GLU B 270 16.80 3.72 1.55
C GLU B 270 16.44 2.25 1.62
N THR B 271 16.96 1.46 0.67
CA THR B 271 16.79 0.01 0.68
C THR B 271 18.05 -0.66 0.17
N THR B 272 18.16 -1.96 0.45
CA THR B 272 19.35 -2.72 0.10
C THR B 272 18.99 -3.87 -0.82
N ILE B 273 19.76 -4.01 -1.90
CA ILE B 273 19.67 -5.15 -2.79
C ILE B 273 20.72 -6.16 -2.38
N SER B 274 20.31 -7.42 -2.24
CA SER B 274 21.20 -8.50 -1.80
C SER B 274 20.98 -9.69 -2.71
N LEU B 275 21.96 -9.99 -3.55
CA LEU B 275 21.90 -11.16 -4.45
C LEU B 275 23.09 -12.05 -4.14
N PRO B 276 22.95 -12.97 -3.19
CA PRO B 276 24.05 -13.89 -2.88
C PRO B 276 24.27 -14.88 -4.01
N PHE B 277 25.54 -15.27 -4.18
CA PHE B 277 25.94 -16.28 -5.16
C PHE B 277 25.48 -15.91 -6.56
N ILE B 278 25.71 -14.66 -6.94
CA ILE B 278 25.19 -14.14 -8.20
C ILE B 278 26.13 -14.42 -9.37
N ALA B 279 27.43 -14.58 -9.11
CA ALA B 279 28.37 -14.86 -10.19
C ALA B 279 29.63 -15.49 -9.58
N LEU B 280 30.47 -15.99 -10.46
CA LEU B 280 31.75 -16.57 -10.08
C LEU B 280 32.89 -15.65 -10.50
N ASP B 281 33.94 -15.64 -9.69
CA ASP B 281 35.12 -14.85 -10.02
C ASP B 281 35.79 -15.43 -11.26
N PRO B 282 36.17 -14.61 -12.24
CA PRO B 282 36.78 -15.17 -13.45
C PRO B 282 38.15 -15.75 -13.22
N ALA B 283 38.88 -15.24 -12.24
CA ALA B 283 40.21 -15.74 -11.90
C ALA B 283 40.14 -16.90 -10.91
N SER B 284 39.39 -16.71 -9.83
CA SER B 284 39.38 -17.67 -8.73
C SER B 284 38.31 -18.74 -8.86
N LYS B 285 37.28 -18.52 -9.69
CA LYS B 285 36.11 -19.39 -9.78
C LYS B 285 35.40 -19.54 -8.44
N THR B 286 35.58 -18.55 -7.53
CA THR B 286 34.99 -18.44 -6.20
C THR B 286 33.69 -17.64 -6.29
N PRO B 287 32.71 -17.91 -5.43
CA PRO B 287 31.43 -17.21 -5.56
C PRO B 287 31.56 -15.74 -5.20
N LEU B 288 30.67 -14.94 -5.79
CA LEU B 288 30.58 -13.51 -5.50
C LEU B 288 29.13 -13.18 -5.15
N HIS B 289 28.95 -12.37 -4.13
CA HIS B 289 27.63 -11.96 -3.68
C HIS B 289 27.46 -10.47 -3.95
N LEU B 290 26.43 -10.11 -4.71
CA LEU B 290 26.06 -8.71 -4.81
C LEU B 290 25.43 -8.25 -3.51
N GLU B 291 25.78 -7.03 -3.08
CA GLU B 291 25.09 -6.41 -1.97
C GLU B 291 25.31 -4.89 -2.09
N LYS B 292 24.28 -4.20 -2.55
CA LYS B 292 24.32 -2.76 -2.73
C LYS B 292 23.10 -2.14 -2.07
N LYS B 293 23.33 -1.06 -1.32
CA LYS B 293 22.25 -0.26 -0.77
C LYS B 293 21.94 0.87 -1.74
N LEU B 294 20.65 1.07 -2.01
CA LEU B 294 20.18 2.07 -2.96
C LEU B 294 19.31 3.07 -2.21
N THR B 295 19.67 4.34 -2.27
CA THR B 295 18.84 5.38 -1.67
C THR B 295 17.85 5.91 -2.71
N ARG B 296 16.75 6.46 -2.19
CA ARG B 296 15.78 7.11 -3.08
C ARG B 296 16.44 8.18 -3.92
N ALA B 297 17.35 8.95 -3.30
CA ALA B 297 18.01 10.04 -4.02
C ALA B 297 18.80 9.52 -5.22
N LYS B 298 19.51 8.41 -5.03
CA LYS B 298 20.17 7.76 -6.16
C LYS B 298 19.14 7.19 -7.14
N PHE B 299 18.16 6.46 -6.62
CA PHE B 299 17.03 5.99 -7.43
C PHE B 299 16.43 7.12 -8.25
N GLU B 300 16.22 8.27 -7.61
CA GLU B 300 15.61 9.40 -8.30
C GLU B 300 16.56 10.05 -9.30
N GLU B 301 17.87 9.90 -9.11
CA GLU B 301 18.82 10.38 -10.11
C GLU B 301 18.97 9.40 -11.27
N LEU B 302 18.83 8.09 -11.00
CA LEU B 302 18.83 7.10 -12.06
C LEU B 302 17.59 7.19 -12.94
N ILE B 303 16.43 7.53 -12.34
CA ILE B 303 15.18 7.63 -13.10
C ILE B 303 14.88 9.03 -13.58
N GLN B 304 15.74 10.01 -13.29
CA GLN B 304 15.50 11.40 -13.69
C GLN B 304 15.18 11.55 -15.18
N PRO B 305 15.95 10.98 -16.12
CA PRO B 305 15.57 11.12 -17.54
C PRO B 305 14.16 10.65 -17.83
N LEU B 306 13.67 9.65 -17.11
CA LEU B 306 12.30 9.18 -17.29
C LEU B 306 11.30 10.22 -16.81
N LEU B 307 11.61 10.91 -15.71
CA LEU B 307 10.70 11.93 -15.20
C LEU B 307 10.56 13.09 -16.18
N LYS B 308 11.66 13.48 -16.84
CA LYS B 308 11.63 14.60 -17.77
C LYS B 308 10.66 14.38 -18.92
N ARG B 309 10.43 13.12 -19.30
CA ARG B 309 9.51 12.82 -20.38
C ARG B 309 8.04 12.88 -19.97
N LEU B 310 7.74 13.09 -18.70
CA LEU B 310 6.35 13.22 -18.27
C LEU B 310 5.75 14.57 -18.64
N ARG B 311 6.60 15.59 -18.87
CA ARG B 311 6.10 16.92 -19.17
C ARG B 311 5.32 16.96 -20.49
N GLY B 312 5.94 16.45 -21.56
CA GLY B 312 5.41 16.53 -22.90
C GLY B 312 3.95 16.15 -23.07
N PRO B 313 3.62 14.89 -22.77
CA PRO B 313 2.21 14.45 -22.95
C PRO B 313 1.21 15.28 -22.17
N VAL B 314 1.55 15.73 -20.96
CA VAL B 314 0.61 16.56 -20.21
C VAL B 314 0.42 17.91 -20.87
N GLU B 315 1.51 18.53 -21.35
CA GLU B 315 1.39 19.82 -22.01
C GLU B 315 0.70 19.69 -23.37
N GLN B 316 0.80 18.54 -24.02
CA GLN B 316 0.14 18.36 -25.30
C GLN B 316 -1.36 18.17 -25.14
N ALA B 317 -1.79 17.40 -24.13
CA ALA B 317 -3.21 17.18 -23.92
C ALA B 317 -3.91 18.48 -23.49
N LEU B 318 -3.28 19.24 -22.59
CA LEU B 318 -3.81 20.55 -22.24
C LEU B 318 -3.94 21.42 -23.48
N LYS B 319 -2.90 21.45 -24.32
CA LYS B 319 -2.98 22.19 -25.58
C LYS B 319 -4.04 21.60 -26.50
N ASP B 320 -4.17 20.28 -26.53
CA ASP B 320 -5.19 19.64 -27.35
C ASP B 320 -6.60 19.84 -26.82
N ALA B 321 -6.75 20.30 -25.58
CA ALA B 321 -8.06 20.55 -25.01
C ALA B 321 -8.39 22.03 -24.87
N GLY B 322 -7.42 22.92 -25.06
CA GLY B 322 -7.65 24.32 -24.81
C GLY B 322 -7.77 24.64 -23.35
N LEU B 323 -7.05 23.90 -22.51
CA LEU B 323 -7.15 24.02 -21.07
C LEU B 323 -5.81 24.42 -20.46
N THR B 324 -5.88 25.12 -19.34
CA THR B 324 -4.89 25.59 -18.40
C THR B 324 -4.83 24.64 -17.22
N PRO B 325 -3.66 24.35 -16.65
CA PRO B 325 -3.62 23.54 -15.42
C PRO B 325 -4.63 23.99 -14.37
N ALA B 326 -4.87 25.30 -14.27
CA ALA B 326 -5.89 25.83 -13.38
C ALA B 326 -7.30 25.42 -13.82
N GLN B 327 -7.51 25.18 -15.12
CA GLN B 327 -8.82 24.78 -15.61
C GLN B 327 -9.11 23.30 -15.40
N ILE B 328 -8.18 22.55 -14.79
CA ILE B 328 -8.41 21.16 -14.43
C ILE B 328 -8.95 21.13 -13.01
N ASP B 329 -10.14 20.56 -12.83
CA ASP B 329 -10.75 20.52 -11.52
C ASP B 329 -10.09 19.48 -10.62
N GLU B 330 -9.82 18.30 -11.16
CA GLU B 330 -9.26 17.21 -10.39
C GLU B 330 -8.27 16.42 -11.25
N VAL B 331 -7.14 16.04 -10.63
CA VAL B 331 -6.17 15.14 -11.23
C VAL B 331 -6.15 13.86 -10.42
N ILE B 332 -6.55 12.74 -11.04
CA ILE B 332 -6.55 11.45 -10.37
C ILE B 332 -5.34 10.64 -10.82
N LEU B 333 -4.81 9.83 -9.91
CA LEU B 333 -3.57 9.06 -10.13
C LEU B 333 -3.89 7.60 -10.37
N VAL B 334 -3.50 7.09 -11.52
CA VAL B 334 -3.77 5.71 -11.92
C VAL B 334 -2.47 5.08 -12.36
N GLY B 335 -2.27 3.84 -11.94
CA GLY B 335 -1.15 3.02 -12.39
C GLY B 335 -0.13 2.81 -11.29
N GLY B 336 0.42 1.60 -11.24
CA GLY B 336 1.37 1.25 -10.19
C GLY B 336 2.55 2.19 -10.12
N ALA B 337 2.94 2.78 -11.25
CA ALA B 337 4.09 3.68 -11.25
C ALA B 337 3.76 5.00 -10.57
N THR B 338 2.49 5.41 -10.54
CA THR B 338 2.16 6.68 -9.90
C THR B 338 2.38 6.64 -8.39
N ARG B 339 2.75 5.47 -7.86
CA ARG B 339 3.11 5.40 -6.45
C ARG B 339 4.49 6.00 -6.17
N VAL B 340 5.34 6.08 -7.19
CA VAL B 340 6.68 6.63 -6.97
C VAL B 340 6.57 8.08 -6.54
N PRO B 341 7.16 8.47 -5.40
CA PRO B 341 7.03 9.87 -4.95
C PRO B 341 7.51 10.91 -5.95
N ALA B 342 8.60 10.64 -6.68
CA ALA B 342 9.06 11.60 -7.69
C ALA B 342 8.00 11.85 -8.75
N VAL B 343 7.13 10.87 -9.00
CA VAL B 343 6.07 11.04 -9.99
C VAL B 343 4.98 11.96 -9.44
N GLN B 344 4.51 11.67 -8.23
CA GLN B 344 3.51 12.54 -7.59
C GLN B 344 3.99 13.98 -7.50
N GLN B 345 5.28 14.17 -7.20
CA GLN B 345 5.84 15.52 -7.19
C GLN B 345 5.80 16.15 -8.58
N VAL B 346 6.14 15.39 -9.62
CA VAL B 346 6.09 15.92 -10.98
C VAL B 346 4.67 16.37 -11.33
N VAL B 347 3.65 15.63 -10.89
CA VAL B 347 2.28 16.05 -11.14
C VAL B 347 1.99 17.35 -10.39
N ARG B 348 2.37 17.41 -9.11
CA ARG B 348 2.18 18.63 -8.33
C ARG B 348 2.71 19.84 -9.08
N GLU B 349 3.89 19.71 -9.69
CA GLU B 349 4.54 20.84 -10.37
C GLU B 349 3.91 21.14 -11.71
N LEU B 350 3.53 20.11 -12.47
CA LEU B 350 3.00 20.35 -13.81
C LEU B 350 1.58 20.90 -13.77
N LEU B 351 0.83 20.58 -12.71
CA LEU B 351 -0.59 20.94 -12.65
C LEU B 351 -0.95 21.84 -11.48
N GLY B 352 -0.06 22.02 -10.50
CA GLY B 352 -0.30 22.95 -9.42
C GLY B 352 -1.33 22.52 -8.40
N LYS B 353 -1.63 21.22 -8.32
CA LYS B 353 -2.60 20.72 -7.38
C LYS B 353 -2.17 19.33 -6.92
N GLU B 354 -2.61 18.96 -5.72
CA GLU B 354 -2.24 17.67 -5.16
C GLU B 354 -3.06 16.56 -5.79
N PRO B 355 -2.43 15.48 -6.24
CA PRO B 355 -3.19 14.43 -6.93
C PRO B 355 -4.03 13.61 -5.96
N ASN B 356 -5.09 13.03 -6.51
CA ASN B 356 -5.94 12.11 -5.76
C ASN B 356 -5.32 10.72 -5.78
N ARG B 357 -4.83 10.29 -4.61
CA ARG B 357 -4.28 8.96 -4.39
C ARG B 357 -5.06 8.23 -3.30
N SER B 358 -6.32 8.61 -3.12
CA SER B 358 -7.14 8.04 -2.05
C SER B 358 -7.34 6.54 -2.26
N VAL B 359 -7.43 6.11 -3.52
CA VAL B 359 -7.65 4.72 -3.90
C VAL B 359 -6.38 4.19 -4.57
N ASN B 360 -6.10 2.91 -4.36
CA ASN B 360 -4.89 2.28 -4.86
C ASN B 360 -4.76 2.48 -6.37
N PRO B 361 -3.69 3.11 -6.86
CA PRO B 361 -3.59 3.41 -8.30
C PRO B 361 -3.57 2.17 -9.18
N ASP B 362 -3.18 1.01 -8.65
CA ASP B 362 -3.14 -0.23 -9.42
C ASP B 362 -4.43 -1.03 -9.34
N GLU B 363 -5.41 -0.56 -8.55
CA GLU B 363 -6.68 -1.25 -8.39
C GLU B 363 -7.87 -0.41 -8.81
N VAL B 364 -7.67 0.88 -9.10
CA VAL B 364 -8.79 1.80 -9.26
C VAL B 364 -9.60 1.47 -10.51
N VAL B 365 -8.92 1.06 -11.59
CA VAL B 365 -9.62 0.76 -12.84
C VAL B 365 -10.47 -0.48 -12.69
N ALA B 366 -9.87 -1.58 -12.21
CA ALA B 366 -10.65 -2.80 -11.98
C ALA B 366 -11.80 -2.55 -11.03
N MET B 367 -11.63 -1.60 -10.10
CA MET B 367 -12.70 -1.28 -9.15
C MET B 367 -13.88 -0.63 -9.86
N GLY B 368 -13.62 0.31 -10.77
CA GLY B 368 -14.69 0.90 -11.54
C GLY B 368 -15.44 -0.15 -12.35
N ALA B 369 -14.70 -1.01 -13.05
CA ALA B 369 -15.32 -2.07 -13.82
C ALA B 369 -16.18 -2.95 -12.94
N ALA B 370 -15.73 -3.22 -11.71
CA ALA B 370 -16.55 -3.96 -10.75
C ALA B 370 -17.84 -3.20 -10.46
N ILE B 371 -17.77 -1.88 -10.33
CA ILE B 371 -18.96 -1.08 -10.11
C ILE B 371 -19.87 -1.12 -11.32
N GLN B 372 -19.30 -1.05 -12.53
CA GLN B 372 -20.10 -1.09 -13.74
C GLN B 372 -20.75 -2.46 -13.96
N ALA B 373 -20.19 -3.53 -13.38
CA ALA B 373 -20.85 -4.82 -13.51
C ALA B 373 -22.00 -4.96 -12.51
N GLY B 374 -21.77 -4.56 -11.26
CA GLY B 374 -22.83 -4.61 -10.27
C GLY B 374 -24.04 -3.79 -10.66
N VAL B 375 -23.81 -2.61 -11.23
CA VAL B 375 -24.94 -1.75 -11.57
C VAL B 375 -25.73 -2.34 -12.74
N LEU B 376 -25.03 -2.91 -13.72
CA LEU B 376 -25.75 -3.57 -14.81
C LEU B 376 -26.46 -4.83 -14.32
N MET B 377 -26.11 -5.31 -13.12
CA MET B 377 -26.78 -6.48 -12.53
C MET B 377 -27.75 -6.08 -11.43
N GLY B 378 -28.12 -4.81 -11.35
CA GLY B 378 -29.07 -4.38 -10.34
C GLY B 378 -28.50 -4.22 -8.95
N GLU B 379 -27.19 -4.08 -8.82
CA GLU B 379 -26.57 -3.80 -7.54
C GLU B 379 -26.22 -2.32 -7.44
N VAL B 380 -26.10 -1.83 -6.21
CA VAL B 380 -25.75 -0.42 -6.00
C VAL B 380 -24.66 -0.33 -4.94
N ARG B 381 -24.03 0.84 -4.91
CA ARG B 381 -22.88 1.08 -4.05
C ARG B 381 -23.34 1.43 -2.65
N ASP B 382 -22.76 0.75 -1.67
CA ASP B 382 -22.99 1.06 -0.27
C ASP B 382 -21.91 2.01 0.20
PB ADP C . -1.09 2.37 16.34
O1B ADP C . -2.54 2.80 16.14
O2B ADP C . -0.17 3.50 16.63
O3B ADP C . -1.05 1.27 17.38
PA ADP C . -0.91 1.80 13.39
O1A ADP C . 0.05 2.72 12.76
O2A ADP C . -2.38 2.15 13.18
O3A ADP C . -0.68 1.65 14.96
O5' ADP C . -0.67 0.34 12.85
C5' ADP C . 0.66 -0.18 12.67
C4' ADP C . 0.64 -1.68 12.87
O4' ADP C . 0.08 -2.31 11.69
C3' ADP C . 1.99 -2.33 13.09
O3' ADP C . 1.89 -3.48 13.91
C2' ADP C . 2.40 -2.72 11.68
O2' ADP C . 3.32 -3.80 11.62
C1' ADP C . 1.05 -3.17 11.11
N9 ADP C . 0.99 -3.06 9.67
C8 ADP C . 1.29 -1.95 8.92
N7 ADP C . 1.18 -2.13 7.62
C5 ADP C . 0.80 -3.46 7.51
C6 ADP C . 0.52 -4.27 6.39
N6 ADP C . 0.58 -3.84 5.13
N1 ADP C . 0.16 -5.55 6.63
C2 ADP C . 0.09 -5.99 7.90
N3 ADP C . 0.33 -5.31 9.02
C4 ADP C . 0.69 -4.04 8.76
MG MG D . -3.61 4.09 14.13
CA CA E . -27.42 5.83 6.06
CA CA F . -29.88 1.73 10.15
CA CA G . -29.37 -3.62 8.82
PB ADP H . -0.35 -1.79 -16.14
O1B ADP H . -1.59 -0.88 -15.95
O2B ADP H . -0.69 -3.17 -16.56
O3B ADP H . 0.60 -1.11 -17.08
PA ADP H . 0.10 -1.43 -13.17
O1A ADP H . -0.99 -0.44 -13.03
O2A ADP H . -0.18 -2.74 -12.43
O3A ADP H . 0.39 -1.79 -14.72
O5' ADP H . 1.50 -0.87 -12.69
C5' ADP H . 2.61 -1.76 -12.44
C4' ADP H . 3.91 -0.99 -12.37
O4' ADP H . 3.89 -0.12 -11.22
C3' ADP H . 5.15 -1.88 -12.21
O3' ADP H . 6.26 -1.38 -12.95
C2' ADP H . 5.42 -1.83 -10.71
O2' ADP H . 6.79 -1.99 -10.36
C1' ADP H . 4.97 -0.40 -10.36
N9 ADP H . 4.51 -0.32 -8.98
C8 ADP H . 3.49 -1.05 -8.42
N7 ADP H . 3.31 -0.83 -7.15
C5 ADP H . 4.30 0.09 -6.83
C6 ADP H . 4.65 0.73 -5.63
N6 ADP H . 4.01 0.53 -4.47
N1 ADP H . 5.69 1.59 -5.65
C2 ADP H . 6.34 1.79 -6.81
N3 ADP H . 6.10 1.24 -8.01
C4 ADP H . 5.07 0.40 -7.95
MG MG I . -3.25 0.01 -15.00
CA CA J . -23.34 -0.30 4.78
CA CA K . -9.91 18.97 -5.22
#